data_3DAK
#
_entry.id   3DAK
#
_cell.length_a   74.208
_cell.length_b   104.484
_cell.length_c   162.903
_cell.angle_alpha   90.00
_cell.angle_beta   90.00
_cell.angle_gamma   90.00
#
_symmetry.space_group_name_H-M   'P 21 21 21'
#
loop_
_entity.id
_entity.type
_entity.pdbx_description
1 polymer 'Serine/threonine-protein kinase OSR1'
2 non-polymer 'PHOSPHOAMINOPHOSPHONIC ACID-ADENYLATE ESTER'
3 non-polymer 'MAGNESIUM ION'
4 water water
#
_entity_poly.entity_id   1
_entity_poly.type   'polypeptide(L)'
_entity_poly.pdbx_seq_one_letter_code
;SALPWSINRDDYELQEVIGSGATAVVQAAYCAPKKEKVAIKRINLEKCQTSMDELLKEIQAMSQCHHPNIVSYYTSFVVK
DELWLVMKLLSGGSVLDIIKHIVAKGEHKSGVLDESTIATILREVLEGLEYLHKNGQIHRDVKAGNILLGEDGSVQIADF
GVSAFLATGGDITRNKVRKTFVGTPCWMAPEVMEQVRGYDFKADIWSFGITAIELATGAAPYHKYPPMKVLMLTLQNDPP
SLETGVQDKEMLKKYGKSFRKMISLCLQKDPEKRPTAAELLRHKFFQKAK
;
_entity_poly.pdbx_strand_id   A,B,C,D
#
loop_
_chem_comp.id
_chem_comp.type
_chem_comp.name
_chem_comp.formula
ANP non-polymer 'PHOSPHOAMINOPHOSPHONIC ACID-ADENYLATE ESTER' 'C10 H17 N6 O12 P3'
MG non-polymer 'MAGNESIUM ION' 'Mg 2'
#
# COMPACT_ATOMS: atom_id res chain seq x y z
N SER A 1 -0.19 -10.38 -20.28
CA SER A 1 -0.04 -11.72 -19.63
C SER A 1 -0.48 -11.68 -18.16
N ALA A 2 -1.46 -12.52 -17.82
CA ALA A 2 -1.99 -12.63 -16.46
C ALA A 2 -1.27 -13.70 -15.63
N LEU A 3 -0.42 -14.48 -16.30
CA LEU A 3 0.30 -15.58 -15.67
C LEU A 3 1.50 -15.16 -14.79
N PRO A 4 1.86 -16.01 -13.80
CA PRO A 4 3.04 -15.77 -12.97
C PRO A 4 4.34 -15.73 -13.76
N TRP A 5 5.33 -15.03 -13.22
CA TRP A 5 6.65 -15.05 -13.81
C TRP A 5 7.26 -16.43 -13.72
N SER A 6 8.01 -16.79 -14.76
CA SER A 6 8.71 -18.06 -14.82
C SER A 6 9.85 -18.11 -13.80
N ILE A 7 10.02 -19.26 -13.16
CA ILE A 7 11.17 -19.50 -12.28
C ILE A 7 12.19 -20.49 -12.88
N ASN A 8 12.13 -20.64 -14.20
CA ASN A 8 13.13 -21.41 -14.94
C ASN A 8 14.10 -20.43 -15.54
N ARG A 9 15.39 -20.70 -15.33
CA ARG A 9 16.47 -19.80 -15.75
C ARG A 9 16.44 -19.59 -17.26
N ASP A 10 16.03 -20.63 -17.98
CA ASP A 10 16.07 -20.68 -19.44
C ASP A 10 15.05 -19.79 -20.18
N ASP A 11 14.08 -19.27 -19.44
CA ASP A 11 13.09 -18.34 -20.01
C ASP A 11 13.62 -16.91 -20.05
N TYR A 12 14.83 -16.74 -19.51
CA TYR A 12 15.48 -15.44 -19.39
C TYR A 12 16.78 -15.43 -20.17
N GLU A 13 16.94 -14.43 -21.04
CA GLU A 13 18.15 -14.31 -21.83
C GLU A 13 18.92 -13.10 -21.37
N LEU A 14 20.01 -13.39 -20.66
CA LEU A 14 20.80 -12.37 -20.01
C LEU A 14 21.64 -11.54 -20.99
N GLN A 15 21.46 -10.24 -20.91
CA GLN A 15 22.03 -9.29 -21.85
C GLN A 15 23.03 -8.34 -21.17
N GLU A 16 23.05 -7.09 -21.62
CA GLU A 16 23.90 -6.02 -21.07
C GLU A 16 23.91 -5.92 -19.54
N VAL A 17 25.08 -5.71 -18.97
CA VAL A 17 25.20 -5.38 -17.56
C VAL A 17 24.80 -3.91 -17.36
N ILE A 18 23.78 -3.71 -16.53
CA ILE A 18 23.33 -2.38 -16.13
C ILE A 18 24.22 -1.84 -15.03
N GLY A 19 24.53 -2.66 -14.04
CA GLY A 19 25.36 -2.22 -12.92
C GLY A 19 26.03 -3.36 -12.20
N SER A 20 27.01 -3.03 -11.38
CA SER A 20 27.88 -4.02 -10.72
C SER A 20 28.35 -3.64 -9.31
N GLY A 21 29.50 -4.21 -8.94
CA GLY A 21 29.97 -4.22 -7.56
C GLY A 21 30.70 -5.52 -7.24
N ALA A 22 31.39 -5.54 -6.10
CA ALA A 22 32.13 -6.72 -5.64
C ALA A 22 31.19 -7.88 -5.28
N THR A 23 29.88 -7.62 -5.32
CA THR A 23 28.91 -8.43 -4.59
C THR A 23 27.78 -8.98 -5.46
N ALA A 24 27.16 -8.11 -6.25
CA ALA A 24 26.01 -8.47 -7.09
C ALA A 24 26.10 -7.79 -8.46
N VAL A 25 25.42 -8.36 -9.45
CA VAL A 25 25.47 -7.86 -10.82
C VAL A 25 24.04 -7.66 -11.31
N VAL A 26 23.74 -6.47 -11.79
CA VAL A 26 22.43 -6.24 -12.34
C VAL A 26 22.54 -6.31 -13.88
N GLN A 27 21.81 -7.25 -14.49
CA GLN A 27 21.77 -7.38 -15.94
C GLN A 27 20.38 -7.18 -16.50
N ALA A 28 20.30 -6.41 -17.59
CA ALA A 28 19.14 -6.44 -18.48
C ALA A 28 18.93 -7.89 -18.96
N ALA A 29 17.68 -8.35 -18.98
CA ALA A 29 17.33 -9.65 -19.56
C ALA A 29 16.01 -9.55 -20.33
N TYR A 30 15.88 -10.34 -21.39
CA TYR A 30 14.58 -10.47 -22.06
C TYR A 30 13.93 -11.75 -21.56
N CYS A 31 12.70 -11.63 -21.11
CA CYS A 31 11.94 -12.79 -20.71
C CYS A 31 10.98 -13.10 -21.85
N ALA A 32 11.32 -14.15 -22.61
CA ALA A 32 10.57 -14.56 -23.81
C ALA A 32 9.07 -14.81 -23.57
N PRO A 33 8.69 -15.69 -22.62
CA PRO A 33 7.25 -15.92 -22.35
C PRO A 33 6.45 -14.66 -22.02
N LYS A 34 7.09 -13.66 -21.44
CA LYS A 34 6.41 -12.45 -21.02
C LYS A 34 6.65 -11.28 -21.97
N LYS A 35 7.41 -11.51 -23.04
CA LYS A 35 7.79 -10.45 -23.97
C LYS A 35 8.06 -9.14 -23.24
N GLU A 36 8.93 -9.18 -22.24
CA GLU A 36 9.34 -7.95 -21.55
C GLU A 36 10.84 -7.99 -21.28
N LYS A 37 11.48 -6.84 -21.44
CA LYS A 37 12.83 -6.65 -20.95
C LYS A 37 12.71 -6.29 -19.46
N VAL A 38 13.36 -7.09 -18.61
CA VAL A 38 13.35 -6.93 -17.14
C VAL A 38 14.80 -6.74 -16.62
N ALA A 39 14.94 -6.45 -15.32
CA ALA A 39 16.25 -6.35 -14.69
C ALA A 39 16.42 -7.55 -13.73
N ILE A 40 17.56 -8.22 -13.80
CA ILE A 40 17.86 -9.30 -12.88
C ILE A 40 19.05 -8.88 -12.01
N LYS A 41 18.82 -8.81 -10.70
CA LYS A 41 19.91 -8.59 -9.76
C LYS A 41 20.43 -9.97 -9.40
N ARG A 42 21.70 -10.23 -9.71
CA ARG A 42 22.34 -11.52 -9.42
C ARG A 42 23.27 -11.39 -8.23
N ILE A 43 22.87 -11.96 -7.10
CA ILE A 43 23.59 -11.80 -5.88
C ILE A 43 24.32 -13.08 -5.65
N ASN A 44 25.63 -12.97 -5.50
CA ASN A 44 26.45 -14.12 -5.15
C ASN A 44 26.34 -14.41 -3.65
N LEU A 45 25.54 -15.43 -3.30
CA LEU A 45 25.31 -15.82 -1.92
C LEU A 45 26.63 -16.15 -1.15
N GLU A 46 27.62 -16.71 -1.85
CA GLU A 46 28.92 -17.02 -1.28
C GLU A 46 29.65 -15.75 -0.83
N LYS A 47 29.73 -14.77 -1.73
CA LYS A 47 30.47 -13.52 -1.52
C LYS A 47 29.78 -12.56 -0.57
N CYS A 48 28.49 -12.77 -0.35
CA CYS A 48 27.71 -11.94 0.57
C CYS A 48 27.60 -12.65 1.90
N GLN A 49 28.22 -13.84 1.95
CA GLN A 49 28.32 -14.65 3.16
C GLN A 49 26.93 -14.79 3.80
N THR A 50 25.98 -15.21 2.98
CA THR A 50 24.59 -15.37 3.40
C THR A 50 24.07 -16.72 2.89
N SER A 51 22.77 -16.97 3.03
CA SER A 51 22.19 -18.24 2.59
C SER A 51 20.75 -17.98 2.18
N MET A 52 20.12 -18.93 1.51
CA MET A 52 18.72 -18.76 1.16
C MET A 52 17.82 -18.81 2.40
N ASP A 53 18.29 -19.50 3.43
CA ASP A 53 17.62 -19.61 4.74
C ASP A 53 17.57 -18.33 5.55
N GLU A 54 18.65 -17.56 5.50
CA GLU A 54 18.70 -16.22 6.06
C GLU A 54 17.82 -15.21 5.30
N LEU A 55 17.49 -15.52 4.04
CA LEU A 55 16.86 -14.55 3.12
C LEU A 55 15.38 -14.78 2.77
N LEU A 56 14.86 -15.98 3.04
CA LEU A 56 13.48 -16.34 2.70
C LEU A 56 12.39 -15.37 3.21
N LYS A 57 12.57 -14.83 4.40
CA LYS A 57 11.67 -13.83 4.96
C LYS A 57 11.73 -12.53 4.18
N GLU A 58 12.92 -12.17 3.72
CA GLU A 58 13.11 -10.97 2.93
C GLU A 58 12.35 -11.07 1.62
N ILE A 59 12.51 -12.22 0.96
CA ILE A 59 11.83 -12.52 -0.29
C ILE A 59 10.33 -12.60 -0.08
N GLN A 60 9.92 -13.19 1.03
CA GLN A 60 8.51 -13.18 1.40
C GLN A 60 7.95 -11.77 1.39
N ALA A 61 8.65 -10.87 2.08
CA ALA A 61 8.30 -9.46 2.19
C ALA A 61 8.25 -8.77 0.81
N MET A 62 9.27 -8.97 0.00
CA MET A 62 9.29 -8.49 -1.37
C MET A 62 8.06 -8.93 -2.19
N SER A 63 7.66 -10.18 -2.00
CA SER A 63 6.61 -10.82 -2.77
C SER A 63 5.24 -10.27 -2.38
N GLN A 64 5.19 -9.62 -1.21
CA GLN A 64 3.97 -9.08 -0.63
C GLN A 64 3.83 -7.58 -0.81
N CYS A 65 4.92 -6.87 -1.08
CA CYS A 65 4.82 -5.43 -1.11
C CYS A 65 4.71 -4.94 -2.54
N HIS A 66 3.60 -4.31 -2.88
CA HIS A 66 3.38 -3.82 -4.23
C HIS A 66 2.69 -2.46 -4.12
N HIS A 67 3.30 -1.47 -4.74
CA HIS A 67 2.94 -0.07 -4.57
C HIS A 67 3.59 0.71 -5.75
N PRO A 68 2.89 1.72 -6.31
CA PRO A 68 3.53 2.34 -7.51
C PRO A 68 4.86 3.05 -7.21
N ASN A 69 5.14 3.32 -5.93
CA ASN A 69 6.41 3.93 -5.53
C ASN A 69 7.47 2.97 -4.99
N ILE A 70 7.32 1.67 -5.22
CA ILE A 70 8.33 0.67 -4.89
C ILE A 70 8.65 -0.09 -6.16
N VAL A 71 9.94 -0.21 -6.52
CA VAL A 71 10.25 -0.93 -7.76
C VAL A 71 9.49 -2.27 -7.76
N SER A 72 8.77 -2.62 -8.84
CA SER A 72 8.06 -3.91 -8.88
C SER A 72 9.01 -5.13 -8.86
N TYR A 73 8.69 -6.07 -7.97
CA TYR A 73 9.39 -7.32 -7.90
C TYR A 73 8.57 -8.35 -8.58
N TYR A 74 9.17 -9.07 -9.53
CA TYR A 74 8.42 -10.07 -10.28
C TYR A 74 8.57 -11.48 -9.72
N THR A 75 9.83 -11.89 -9.61
CA THR A 75 10.16 -13.23 -9.12
C THR A 75 11.65 -13.34 -8.75
N SER A 76 12.04 -14.53 -8.31
CA SER A 76 13.40 -14.85 -7.92
C SER A 76 13.55 -16.35 -7.87
N PHE A 77 14.80 -16.80 -8.05
CA PHE A 77 15.13 -18.20 -8.03
C PHE A 77 16.64 -18.30 -7.92
N VAL A 78 17.13 -19.47 -7.55
CA VAL A 78 18.55 -19.70 -7.40
C VAL A 78 19.09 -20.35 -8.65
N VAL A 79 20.20 -19.78 -9.14
CA VAL A 79 21.00 -20.38 -10.20
C VAL A 79 22.42 -20.63 -9.68
N LYS A 80 22.78 -21.90 -9.48
CA LYS A 80 24.06 -22.30 -8.89
C LYS A 80 24.21 -21.71 -7.49
N ASP A 81 25.16 -20.79 -7.33
CA ASP A 81 25.41 -20.14 -6.04
C ASP A 81 24.93 -18.69 -5.96
N GLU A 82 24.09 -18.29 -6.93
CA GLU A 82 23.54 -16.95 -7.01
C GLU A 82 22.04 -16.95 -6.78
N LEU A 83 21.56 -15.96 -6.03
CA LEU A 83 20.15 -15.66 -5.97
C LEU A 83 19.83 -14.64 -7.04
N TRP A 84 18.90 -14.98 -7.94
CA TRP A 84 18.46 -14.06 -9.01
C TRP A 84 17.15 -13.37 -8.67
N LEU A 85 17.15 -12.04 -8.66
CA LEU A 85 15.97 -11.26 -8.36
C LEU A 85 15.48 -10.58 -9.66
N VAL A 86 14.31 -10.99 -10.13
CA VAL A 86 13.71 -10.46 -11.36
C VAL A 86 12.77 -9.28 -11.02
N MET A 87 13.06 -8.12 -11.61
CA MET A 87 12.44 -6.86 -11.26
C MET A 87 12.05 -6.11 -12.50
N LYS A 88 11.26 -5.05 -12.31
CA LYS A 88 10.92 -4.13 -13.38
C LYS A 88 12.20 -3.43 -13.84
N LEU A 89 12.37 -3.30 -15.15
CA LEU A 89 13.50 -2.53 -15.68
C LEU A 89 13.12 -1.05 -15.76
N LEU A 90 13.83 -0.20 -15.02
CA LEU A 90 13.63 1.24 -15.07
C LEU A 90 14.75 1.92 -15.86
N SER A 91 14.36 2.72 -16.86
CA SER A 91 15.33 3.45 -17.69
C SER A 91 15.64 4.93 -17.35
N GLY A 92 15.21 5.49 -16.23
CA GLY A 92 15.62 6.89 -15.97
C GLY A 92 16.84 7.15 -15.04
N GLY A 93 17.58 6.11 -14.66
CA GLY A 93 18.69 6.25 -13.67
C GLY A 93 18.14 6.61 -12.27
N SER A 94 19.03 6.94 -11.33
CA SER A 94 18.63 7.36 -9.98
C SER A 94 18.66 8.85 -9.72
N VAL A 95 18.11 9.27 -8.59
CA VAL A 95 18.25 10.64 -8.16
C VAL A 95 19.75 10.92 -7.90
N LEU A 96 20.51 9.94 -7.41
CA LEU A 96 21.95 10.11 -7.25
C LEU A 96 22.71 10.47 -8.56
N ASP A 97 22.40 9.81 -9.67
CA ASP A 97 22.93 10.18 -11.00
C ASP A 97 22.73 11.64 -11.29
N ILE A 98 21.54 12.16 -11.02
CA ILE A 98 21.19 13.55 -11.34
C ILE A 98 22.03 14.46 -10.47
N ILE A 99 22.16 14.08 -9.21
CA ILE A 99 22.96 14.83 -8.23
C ILE A 99 24.42 14.90 -8.69
N LYS A 100 24.99 13.75 -9.09
CA LYS A 100 26.40 13.69 -9.50
C LYS A 100 26.64 14.52 -10.76
N HIS A 101 25.66 14.56 -11.65
CA HIS A 101 25.73 15.38 -12.86
C HIS A 101 25.70 16.86 -12.52
N ILE A 102 24.74 17.30 -11.72
CA ILE A 102 24.70 18.70 -11.28
C ILE A 102 26.01 19.12 -10.50
N VAL A 103 26.53 18.23 -9.64
CA VAL A 103 27.73 18.51 -8.89
C VAL A 103 28.97 18.55 -9.80
N ALA A 104 29.15 17.55 -10.67
CA ALA A 104 30.29 17.58 -11.60
C ALA A 104 30.30 18.82 -12.47
N LYS A 105 29.14 19.40 -12.76
CA LYS A 105 29.03 20.57 -13.63
C LYS A 105 29.21 21.88 -12.86
N GLY A 106 29.24 21.82 -11.52
CA GLY A 106 29.30 23.02 -10.69
C GLY A 106 28.06 23.91 -10.64
N GLU A 107 26.88 23.28 -10.81
CA GLU A 107 25.61 23.97 -10.78
C GLU A 107 25.00 24.00 -9.37
N HIS A 108 25.80 23.60 -8.38
CA HIS A 108 25.28 23.46 -7.04
C HIS A 108 25.74 24.61 -6.15
N LYS A 109 25.92 25.79 -6.74
CA LYS A 109 26.42 26.93 -5.97
C LYS A 109 25.43 27.51 -4.98
N SER A 110 24.13 27.33 -5.23
CA SER A 110 23.15 27.74 -4.25
C SER A 110 22.31 26.56 -3.73
N GLY A 111 22.76 25.35 -4.06
CA GLY A 111 22.07 24.13 -3.68
C GLY A 111 21.94 23.22 -4.85
N VAL A 112 21.92 21.91 -4.62
CA VAL A 112 21.79 20.93 -5.74
C VAL A 112 20.36 20.91 -6.36
N LEU A 113 19.34 20.34 -5.69
CA LEU A 113 17.97 20.37 -6.25
C LEU A 113 17.12 21.54 -5.72
N ASP A 114 16.30 22.14 -6.58
CA ASP A 114 15.30 23.13 -6.14
C ASP A 114 14.41 22.50 -5.05
N GLU A 115 13.86 23.33 -4.18
CA GLU A 115 12.93 22.89 -3.15
C GLU A 115 11.66 22.16 -3.66
N SER A 116 11.09 22.60 -4.77
CA SER A 116 9.91 21.96 -5.29
C SER A 116 10.25 20.63 -5.97
N THR A 117 11.46 20.50 -6.49
CA THR A 117 11.93 19.23 -7.02
C THR A 117 12.16 18.20 -5.87
N ILE A 118 12.74 18.68 -4.78
CA ILE A 118 13.01 17.83 -3.61
C ILE A 118 11.66 17.39 -3.01
N ALA A 119 10.74 18.33 -2.80
CA ALA A 119 9.38 18.07 -2.32
C ALA A 119 8.64 17.07 -3.17
N THR A 120 8.71 17.21 -4.48
CA THR A 120 8.06 16.26 -5.39
C THR A 120 8.61 14.86 -5.35
N ILE A 121 9.92 14.72 -5.43
CA ILE A 121 10.55 13.42 -5.36
C ILE A 121 10.34 12.78 -3.98
N LEU A 122 10.54 13.53 -2.90
CA LEU A 122 10.47 12.99 -1.56
C LEU A 122 9.05 12.67 -1.10
N ARG A 123 8.06 13.47 -1.54
CA ARG A 123 6.66 13.09 -1.37
C ARG A 123 6.39 11.69 -1.88
N GLU A 124 6.87 11.36 -3.10
CA GLU A 124 6.73 10.01 -3.67
C GLU A 124 7.46 8.97 -2.84
N VAL A 125 8.66 9.28 -2.34
CA VAL A 125 9.36 8.37 -1.44
C VAL A 125 8.56 8.12 -0.16
N LEU A 126 8.00 9.17 0.42
CA LEU A 126 7.28 9.04 1.66
C LEU A 126 5.99 8.21 1.50
N GLU A 127 5.35 8.28 0.33
CA GLU A 127 4.20 7.41 0.03
C GLU A 127 4.64 5.94 0.01
N GLY A 128 5.79 5.63 -0.60
CA GLY A 128 6.30 4.25 -0.61
C GLY A 128 6.73 3.75 0.79
N LEU A 129 7.40 4.59 1.55
CA LEU A 129 7.83 4.25 2.92
C LEU A 129 6.63 4.05 3.85
N GLU A 130 5.66 4.96 3.81
CA GLU A 130 4.41 4.83 4.54
C GLU A 130 3.64 3.54 4.26
N TYR A 131 3.47 3.20 2.98
CA TYR A 131 3.00 1.87 2.61
C TYR A 131 3.80 0.72 3.27
N LEU A 132 5.11 0.68 3.12
CA LEU A 132 5.95 -0.35 3.73
C LEU A 132 5.81 -0.38 5.24
N HIS A 133 5.76 0.79 5.87
CA HIS A 133 5.58 0.86 7.32
C HIS A 133 4.26 0.36 7.86
N LYS A 134 3.17 0.72 7.19
CA LYS A 134 1.84 0.16 7.38
C LYS A 134 1.77 -1.35 7.36
N ASN A 135 2.55 -1.96 6.49
CA ASN A 135 2.69 -3.40 6.38
C ASN A 135 3.71 -4.03 7.33
N GLY A 136 4.18 -3.30 8.33
CA GLY A 136 5.12 -3.89 9.28
C GLY A 136 6.50 -4.07 8.68
N GLN A 137 6.83 -3.34 7.61
CA GLN A 137 8.14 -3.49 6.98
C GLN A 137 9.08 -2.28 7.23
N ILE A 138 10.37 -2.50 7.04
CA ILE A 138 11.35 -1.42 7.14
C ILE A 138 12.18 -1.46 5.85
N HIS A 139 12.48 -0.32 5.23
CA HIS A 139 13.37 -0.38 4.06
C HIS A 139 14.84 -0.57 4.40
N ARG A 140 15.35 0.17 5.39
CA ARG A 140 16.76 0.10 5.92
C ARG A 140 17.83 0.83 5.13
N ASP A 141 17.62 1.03 3.83
CA ASP A 141 18.64 1.65 3.02
C ASP A 141 18.07 2.78 2.17
N VAL A 142 17.40 3.73 2.82
CA VAL A 142 16.84 4.91 2.12
C VAL A 142 18.00 5.85 1.83
N LYS A 143 18.19 6.18 0.55
CA LYS A 143 19.28 7.10 0.09
C LYS A 143 19.01 7.46 -1.39
N ALA A 144 19.66 8.49 -1.90
CA ALA A 144 19.44 9.00 -3.26
C ALA A 144 19.66 7.93 -4.32
N GLY A 145 20.67 7.11 -4.11
CA GLY A 145 21.03 5.99 -4.96
C GLY A 145 19.94 4.94 -5.14
N ASN A 146 18.99 4.89 -4.20
CA ASN A 146 17.90 3.91 -4.15
C ASN A 146 16.56 4.52 -4.57
N ILE A 147 16.57 5.79 -5.01
CA ILE A 147 15.42 6.45 -5.60
C ILE A 147 15.59 6.47 -7.14
N LEU A 148 14.75 5.69 -7.82
CA LEU A 148 14.83 5.48 -9.23
C LEU A 148 13.70 6.22 -9.90
N LEU A 149 14.01 6.72 -11.10
CA LEU A 149 13.14 7.52 -11.93
C LEU A 149 12.76 6.68 -13.14
N GLY A 150 11.49 6.68 -13.51
CA GLY A 150 11.13 6.05 -14.73
C GLY A 150 11.17 7.14 -15.79
N GLU A 151 11.37 6.75 -17.04
CA GLU A 151 11.30 7.78 -18.09
C GLU A 151 9.86 8.29 -18.28
N ASP A 152 8.91 7.66 -17.57
CA ASP A 152 7.51 8.13 -17.48
C ASP A 152 7.30 9.20 -16.39
N GLY A 153 8.37 9.60 -15.71
CA GLY A 153 8.22 10.54 -14.60
C GLY A 153 7.87 9.91 -13.24
N SER A 154 7.83 8.59 -13.15
CA SER A 154 7.57 7.96 -11.84
C SER A 154 8.83 7.97 -10.94
N VAL A 155 8.60 7.87 -9.63
CA VAL A 155 9.63 7.87 -8.61
C VAL A 155 9.38 6.59 -7.81
N GLN A 156 10.39 5.72 -7.73
CA GLN A 156 10.26 4.37 -7.15
C GLN A 156 11.50 4.11 -6.27
N ILE A 157 11.28 3.64 -5.05
CA ILE A 157 12.33 3.24 -4.14
C ILE A 157 12.78 1.89 -4.61
N ALA A 158 14.09 1.69 -4.74
CA ALA A 158 14.68 0.40 -5.12
C ALA A 158 15.20 -0.34 -3.88
N ASP A 159 15.43 -1.66 -4.04
CA ASP A 159 16.27 -2.46 -3.15
C ASP A 159 15.60 -2.83 -1.82
N PHE A 160 14.29 -2.70 -1.74
CA PHE A 160 13.52 -3.21 -0.61
C PHE A 160 13.72 -4.73 -0.52
N GLY A 161 13.93 -5.25 0.69
CA GLY A 161 14.08 -6.68 0.83
C GLY A 161 15.52 -7.14 0.87
N VAL A 162 15.87 -8.08 0.01
CA VAL A 162 17.17 -8.72 0.07
C VAL A 162 18.35 -7.74 -0.01
N SER A 163 18.35 -6.82 -0.99
CA SER A 163 19.52 -5.95 -1.25
C SER A 163 19.75 -4.97 -0.12
N ALA A 164 18.72 -4.27 0.32
CA ALA A 164 18.82 -3.36 1.46
C ALA A 164 19.25 -4.09 2.76
N PHE A 165 18.66 -5.24 2.98
CA PHE A 165 19.03 -6.13 4.06
C PHE A 165 20.51 -6.51 4.06
N LEU A 166 21.01 -6.95 2.91
CA LEU A 166 22.44 -7.28 2.79
C LEU A 166 23.37 -6.06 2.87
N ALA A 167 22.96 -4.94 2.28
CA ALA A 167 23.75 -3.68 2.25
C ALA A 167 23.94 -3.11 3.64
N THR A 168 23.17 -3.63 4.58
CA THR A 168 22.97 -2.99 5.86
C THR A 168 23.32 -3.94 7.04
N GLY A 169 23.84 -5.11 6.73
CA GLY A 169 24.43 -5.97 7.76
C GLY A 169 23.57 -7.13 8.22
N GLY A 170 22.52 -7.43 7.45
CA GLY A 170 21.64 -8.55 7.72
C GLY A 170 21.09 -8.51 9.13
N VAL A 182 15.52 -12.31 28.36
CA VAL A 182 16.21 -11.77 29.53
C VAL A 182 15.43 -12.12 30.83
N GLY A 183 14.52 -11.22 31.23
CA GLY A 183 13.82 -11.26 32.54
C GLY A 183 13.27 -9.85 32.72
N THR A 184 13.39 -9.28 33.92
CA THR A 184 13.23 -7.84 34.10
C THR A 184 14.64 -7.19 34.06
N PRO A 185 14.92 -6.38 33.01
CA PRO A 185 16.20 -5.76 32.68
C PRO A 185 16.51 -4.40 33.38
N CYS A 186 16.14 -4.30 34.64
CA CYS A 186 16.34 -3.08 35.41
C CYS A 186 17.80 -2.57 35.51
N TRP A 187 18.80 -3.46 35.38
CA TRP A 187 20.22 -3.06 35.53
C TRP A 187 20.96 -2.81 34.20
N MET A 188 20.29 -3.07 33.08
CA MET A 188 20.90 -3.06 31.78
C MET A 188 21.20 -1.61 31.35
N ALA A 189 22.42 -1.37 30.90
CA ALA A 189 22.79 -0.08 30.26
C ALA A 189 21.93 0.20 29.04
N PRO A 190 21.62 1.49 28.77
CA PRO A 190 20.75 1.85 27.62
C PRO A 190 21.28 1.40 26.25
N GLU A 191 22.60 1.38 26.06
CA GLU A 191 23.17 0.93 24.79
C GLU A 191 22.96 -0.60 24.60
N VAL A 192 22.92 -1.33 25.74
CA VAL A 192 22.58 -2.75 25.74
C VAL A 192 21.07 -2.95 25.47
N MET A 193 20.22 -2.23 26.21
CA MET A 193 18.78 -2.21 25.93
C MET A 193 18.41 -1.82 24.46
N GLU A 194 19.10 -0.84 23.90
CA GLU A 194 18.92 -0.50 22.50
C GLU A 194 19.11 -1.70 21.58
N GLN A 195 20.17 -2.49 21.75
CA GLN A 195 20.28 -3.69 20.92
C GLN A 195 19.36 -4.83 21.24
N VAL A 196 18.96 -4.95 22.50
CA VAL A 196 17.94 -5.91 22.92
C VAL A 196 16.62 -5.66 22.17
N ARG A 197 16.20 -4.40 22.14
CA ARG A 197 14.96 -3.92 21.51
C ARG A 197 14.99 -3.98 19.96
N GLY A 198 16.18 -3.97 19.39
CA GLY A 198 16.30 -3.91 17.95
C GLY A 198 15.96 -2.50 17.53
N TYR A 199 15.34 -2.37 16.37
CA TYR A 199 14.89 -1.07 15.91
C TYR A 199 13.65 -1.25 15.04
N ASP A 200 13.02 -0.13 14.71
CA ASP A 200 11.80 -0.21 13.91
C ASP A 200 11.82 0.78 12.72
N PHE A 201 10.64 1.09 12.22
CA PHE A 201 10.48 1.79 10.95
C PHE A 201 10.94 3.22 11.10
N LYS A 202 10.96 3.77 12.31
CA LYS A 202 11.51 5.10 12.54
C LYS A 202 12.97 5.24 12.13
N ALA A 203 13.74 4.14 12.14
CA ALA A 203 15.04 4.15 11.50
C ALA A 203 14.96 4.73 10.06
N ASP A 204 13.97 4.30 9.25
CA ASP A 204 13.80 4.84 7.87
C ASP A 204 13.58 6.34 7.82
N ILE A 205 13.01 6.89 8.87
CA ILE A 205 12.62 8.32 8.92
C ILE A 205 13.89 9.14 9.13
N TRP A 206 14.80 8.64 9.98
CA TRP A 206 16.15 9.24 10.07
C TRP A 206 16.84 9.20 8.68
N SER A 207 16.98 8.04 8.05
CA SER A 207 17.59 7.90 6.71
C SER A 207 16.97 8.84 5.66
N PHE A 208 15.64 8.94 5.68
CA PHE A 208 14.88 9.90 4.91
C PHE A 208 15.38 11.33 5.18
N GLY A 209 15.56 11.71 6.44
CA GLY A 209 16.10 13.05 6.77
C GLY A 209 17.52 13.28 6.22
N ILE A 210 18.40 12.27 6.27
CA ILE A 210 19.73 12.37 5.66
C ILE A 210 19.67 12.44 4.11
N THR A 211 18.72 11.69 3.55
CA THR A 211 18.44 11.68 2.13
C THR A 211 18.00 13.08 1.64
N ALA A 212 17.21 13.82 2.41
CA ALA A 212 16.86 15.19 2.02
C ALA A 212 18.09 16.13 2.00
N ILE A 213 19.01 15.92 2.94
CA ILE A 213 20.29 16.67 2.97
C ILE A 213 21.11 16.37 1.74
N GLU A 214 21.21 15.10 1.41
CA GLU A 214 21.87 14.63 0.24
C GLU A 214 21.33 15.27 -1.04
N LEU A 215 20.01 15.37 -1.19
CA LEU A 215 19.36 16.05 -2.35
C LEU A 215 19.62 17.56 -2.44
N ALA A 216 19.78 18.19 -1.27
CA ALA A 216 20.03 19.61 -1.18
C ALA A 216 21.50 19.98 -1.37
N THR A 217 22.40 19.17 -0.78
CA THR A 217 23.82 19.50 -0.66
C THR A 217 24.71 18.61 -1.53
N GLY A 218 24.19 17.49 -2.00
CA GLY A 218 24.97 16.66 -2.88
C GLY A 218 25.58 15.46 -2.18
N ALA A 219 25.53 15.47 -0.85
CA ALA A 219 26.10 14.38 -0.05
C ALA A 219 25.47 14.28 1.35
N ALA A 220 25.59 13.11 1.97
CA ALA A 220 25.26 12.94 3.40
C ALA A 220 26.20 13.80 4.24
N PRO A 221 25.75 14.30 5.42
CA PRO A 221 26.50 15.25 6.27
C PRO A 221 27.88 14.85 6.66
N TYR A 222 28.14 13.58 7.00
CA TYR A 222 29.53 13.23 7.39
C TYR A 222 30.34 12.49 6.31
N HIS A 223 30.00 12.74 5.04
CA HIS A 223 30.56 12.06 3.87
C HIS A 223 32.05 12.16 3.76
N LYS A 224 32.61 13.19 4.40
CA LYS A 224 34.07 13.45 4.32
C LYS A 224 34.94 12.48 5.16
N TYR A 225 34.32 11.82 6.14
CA TYR A 225 35.03 11.00 7.10
C TYR A 225 35.04 9.49 6.73
N PRO A 226 36.06 8.73 7.21
CA PRO A 226 35.98 7.26 6.97
C PRO A 226 34.76 6.56 7.65
N PRO A 227 34.35 5.36 7.15
CA PRO A 227 33.12 4.73 7.59
C PRO A 227 33.02 4.41 9.07
N MET A 228 34.14 4.05 9.72
CA MET A 228 34.10 3.82 11.17
C MET A 228 34.00 5.11 11.97
N LYS A 229 34.62 6.19 11.51
CA LYS A 229 34.35 7.49 12.11
C LYS A 229 32.94 8.09 11.89
N VAL A 230 32.24 7.71 10.82
CA VAL A 230 30.83 8.13 10.64
C VAL A 230 29.95 7.64 11.80
N LEU A 231 30.10 6.38 12.20
CA LEU A 231 29.40 5.81 13.37
C LEU A 231 29.56 6.69 14.60
N MET A 232 30.80 7.01 14.91
CA MET A 232 31.13 7.78 16.11
C MET A 232 30.81 9.25 15.91
N LEU A 233 31.13 9.81 14.76
CA LEU A 233 30.74 11.18 14.52
C LEU A 233 29.23 11.40 14.78
N THR A 234 28.40 10.47 14.31
CA THR A 234 26.96 10.61 14.44
C THR A 234 26.53 10.46 15.88
N LEU A 235 26.98 9.38 16.50
CA LEU A 235 26.65 9.08 17.89
C LEU A 235 27.12 10.15 18.88
N GLN A 236 28.26 10.78 18.63
CA GLN A 236 28.89 11.79 19.55
C GLN A 236 28.35 13.20 19.47
N ASN A 237 27.71 13.53 18.36
CA ASN A 237 27.31 14.88 18.12
C ASN A 237 25.78 15.02 18.11
N ASP A 238 25.31 16.26 18.22
CA ASP A 238 23.92 16.59 17.93
C ASP A 238 23.65 16.11 16.52
N PRO A 239 22.36 15.81 16.22
CA PRO A 239 22.00 15.40 14.88
C PRO A 239 22.52 16.42 13.87
N PRO A 240 22.89 15.95 12.67
CA PRO A 240 23.36 16.89 11.64
C PRO A 240 22.24 17.75 11.07
N SER A 241 22.62 18.79 10.33
CA SER A 241 21.68 19.67 9.61
C SER A 241 22.24 19.88 8.21
N LEU A 242 21.51 20.59 7.34
CA LEU A 242 22.01 21.03 6.03
C LEU A 242 23.42 21.56 6.09
N GLU A 243 23.73 22.32 7.15
CA GLU A 243 25.02 22.98 7.31
C GLU A 243 26.22 22.07 7.68
N THR A 244 25.96 20.83 8.07
CA THR A 244 27.04 19.97 8.62
C THR A 244 28.21 19.67 7.64
N GLY A 245 27.86 19.27 6.42
CA GLY A 245 28.83 18.77 5.46
C GLY A 245 29.16 19.77 4.37
N VAL A 246 28.83 21.03 4.62
CA VAL A 246 29.08 22.04 3.62
C VAL A 246 30.06 23.10 4.06
N GLN A 247 31.02 23.31 3.16
CA GLN A 247 31.84 24.49 2.99
C GLN A 247 31.24 25.81 3.51
N ASP A 248 30.28 26.36 2.76
CA ASP A 248 29.84 27.76 2.87
C ASP A 248 28.32 27.86 2.84
N LYS A 249 27.74 28.69 3.70
CA LYS A 249 26.27 28.77 3.86
C LYS A 249 25.50 29.41 2.70
N GLU A 250 26.23 30.09 1.81
CA GLU A 250 25.60 30.63 0.60
C GLU A 250 25.28 29.47 -0.37
N MET A 251 25.83 28.29 -0.10
CA MET A 251 25.51 27.07 -0.86
C MET A 251 24.19 26.44 -0.46
N LEU A 252 23.47 27.12 0.41
CA LEU A 252 22.22 26.61 0.96
C LEU A 252 21.16 27.68 0.80
N LYS A 253 21.39 28.54 -0.19
CA LYS A 253 20.55 29.69 -0.52
C LYS A 253 19.14 29.30 -1.04
N LYS A 254 19.02 28.14 -1.69
CA LYS A 254 17.73 27.59 -2.16
C LYS A 254 16.75 27.15 -1.07
N TYR A 255 17.23 26.99 0.17
CA TYR A 255 16.50 26.26 1.20
C TYR A 255 16.03 27.11 2.37
N GLY A 256 14.71 27.13 2.57
CA GLY A 256 14.08 27.95 3.60
C GLY A 256 13.83 27.22 4.93
N LYS A 257 12.99 27.83 5.73
CA LYS A 257 12.71 27.42 7.11
C LYS A 257 11.95 26.11 7.24
N SER A 258 10.90 25.95 6.44
CA SER A 258 10.11 24.74 6.52
C SER A 258 10.86 23.46 6.06
N PHE A 259 11.76 23.58 5.08
CA PHE A 259 12.61 22.44 4.68
C PHE A 259 13.52 21.98 5.84
N ARG A 260 14.19 22.96 6.45
CA ARG A 260 15.07 22.76 7.60
C ARG A 260 14.31 22.18 8.79
N LYS A 261 13.07 22.65 9.01
CA LYS A 261 12.24 22.08 10.09
C LYS A 261 11.82 20.65 9.80
N MET A 262 11.41 20.36 8.56
CA MET A 262 11.04 19.01 8.16
C MET A 262 12.21 18.08 8.50
N ILE A 263 13.40 18.41 8.02
CA ILE A 263 14.64 17.65 8.29
C ILE A 263 14.97 17.50 9.78
N SER A 264 14.85 18.54 10.60
CA SER A 264 15.18 18.43 12.03
C SER A 264 14.19 17.48 12.73
N LEU A 265 12.98 17.41 12.22
CA LEU A 265 11.97 16.48 12.76
C LEU A 265 12.38 15.01 12.53
N CYS A 266 12.88 14.67 11.35
CA CYS A 266 13.39 13.35 11.02
C CYS A 266 14.64 13.00 11.81
N LEU A 267 15.56 13.98 11.92
CA LEU A 267 16.89 13.79 12.53
C LEU A 267 16.86 14.02 14.05
N GLN A 268 16.05 13.23 14.73
CA GLN A 268 15.97 13.28 16.19
C GLN A 268 16.66 12.03 16.63
N LYS A 269 17.57 12.13 17.61
CA LYS A 269 18.27 10.93 18.15
C LYS A 269 17.30 9.92 18.74
N ASP A 270 16.24 10.36 19.39
CA ASP A 270 15.21 9.44 19.94
C ASP A 270 14.24 9.10 18.82
N PRO A 271 14.17 7.83 18.39
CA PRO A 271 13.17 7.45 17.36
C PRO A 271 11.70 7.76 17.67
N GLU A 272 11.27 7.64 18.95
CA GLU A 272 9.90 7.95 19.34
C GLU A 272 9.54 9.36 18.97
N LYS A 273 10.53 10.24 18.84
CA LYS A 273 10.21 11.62 18.53
C LYS A 273 10.14 11.91 17.04
N ARG A 274 10.60 11.00 16.21
CA ARG A 274 10.52 11.17 14.77
C ARG A 274 9.03 11.00 14.44
N PRO A 275 8.50 11.80 13.48
CA PRO A 275 7.16 11.56 12.91
C PRO A 275 7.13 10.30 12.03
N THR A 276 5.94 9.77 11.76
CA THR A 276 5.73 8.69 10.80
C THR A 276 5.80 9.31 9.41
N ALA A 277 5.92 8.50 8.38
CA ALA A 277 5.87 8.99 7.01
C ALA A 277 4.53 9.68 6.68
N ALA A 278 3.42 9.16 7.24
CA ALA A 278 2.07 9.75 7.03
C ALA A 278 2.01 11.18 7.53
N GLU A 279 2.55 11.40 8.73
CA GLU A 279 2.70 12.72 9.36
C GLU A 279 3.58 13.65 8.55
N LEU A 280 4.73 13.18 8.09
CA LEU A 280 5.59 13.97 7.17
C LEU A 280 4.87 14.37 5.90
N LEU A 281 4.01 13.53 5.34
CA LEU A 281 3.29 13.92 4.14
C LEU A 281 2.41 15.14 4.35
N ARG A 282 2.03 15.36 5.60
CA ARG A 282 1.19 16.48 5.97
C ARG A 282 2.05 17.68 6.32
N HIS A 283 3.36 17.55 6.24
CA HIS A 283 4.21 18.70 6.57
C HIS A 283 4.11 19.84 5.50
N LYS A 284 4.08 21.07 6.00
CA LYS A 284 4.11 22.29 5.18
C LYS A 284 5.10 22.23 4.01
N PHE A 285 6.31 21.70 4.25
CA PHE A 285 7.34 21.63 3.22
C PHE A 285 6.77 20.97 1.97
N PHE A 286 5.99 19.89 2.15
CA PHE A 286 5.52 19.07 1.02
C PHE A 286 4.39 19.69 0.19
N GLN A 287 3.92 20.85 0.62
CA GLN A 287 2.97 21.65 -0.16
C GLN A 287 3.69 22.31 -1.34
N LYS A 288 5.02 22.24 -1.35
CA LYS A 288 5.86 22.76 -2.42
C LYS A 288 5.93 21.76 -3.59
N ALA A 289 5.45 20.54 -3.37
CA ALA A 289 5.48 19.51 -4.40
C ALA A 289 4.67 19.90 -5.64
N LYS A 290 5.31 19.94 -6.82
CA LYS A 290 4.63 20.15 -8.10
C LYS A 290 3.77 18.94 -8.42
N SER B 1 6.25 -18.20 9.30
CA SER B 1 5.92 -17.76 7.92
C SER B 1 6.73 -18.50 6.85
N ALA B 2 7.98 -18.05 6.62
CA ALA B 2 8.82 -18.44 5.48
C ALA B 2 8.11 -18.69 4.13
N LEU B 3 7.68 -19.94 3.91
CA LEU B 3 7.32 -20.43 2.57
C LEU B 3 6.02 -19.91 1.94
N PRO B 4 5.85 -20.17 0.62
CA PRO B 4 4.58 -19.87 -0.05
C PRO B 4 3.42 -20.76 0.42
N TRP B 5 2.20 -20.27 0.24
CA TRP B 5 1.02 -21.09 0.55
C TRP B 5 0.88 -22.24 -0.43
N SER B 6 0.54 -23.39 0.14
CA SER B 6 0.30 -24.64 -0.57
C SER B 6 -0.86 -24.54 -1.56
N ILE B 7 -0.64 -25.06 -2.78
CA ILE B 7 -1.69 -25.18 -3.78
C ILE B 7 -2.20 -26.63 -3.82
N ASN B 8 -1.76 -27.40 -2.84
CA ASN B 8 -2.24 -28.76 -2.71
C ASN B 8 -3.53 -28.75 -1.84
N ARG B 9 -4.64 -29.19 -2.44
CA ARG B 9 -5.91 -29.25 -1.76
C ARG B 9 -5.81 -30.01 -0.45
N ASP B 10 -4.99 -31.06 -0.44
CA ASP B 10 -4.90 -31.98 0.68
C ASP B 10 -4.17 -31.39 1.88
N ASP B 11 -3.62 -30.21 1.72
CA ASP B 11 -2.97 -29.49 2.79
C ASP B 11 -3.98 -28.72 3.63
N TYR B 12 -5.25 -28.75 3.21
CA TYR B 12 -6.33 -28.00 3.85
C TYR B 12 -7.47 -28.88 4.32
N GLU B 13 -7.69 -28.92 5.62
CA GLU B 13 -8.81 -29.67 6.18
C GLU B 13 -10.05 -28.77 6.31
N LEU B 14 -11.07 -29.04 5.51
CA LEU B 14 -12.32 -28.28 5.54
C LEU B 14 -13.07 -28.43 6.88
N GLN B 15 -13.50 -27.30 7.44
CA GLN B 15 -14.20 -27.29 8.72
C GLN B 15 -15.55 -26.60 8.58
N GLU B 16 -15.89 -25.76 9.56
CA GLU B 16 -17.22 -25.20 9.64
C GLU B 16 -17.49 -24.21 8.52
N VAL B 17 -18.65 -24.37 7.89
CA VAL B 17 -19.17 -23.39 6.93
C VAL B 17 -19.45 -22.07 7.67
N ILE B 18 -19.01 -20.95 7.09
CA ILE B 18 -19.22 -19.61 7.64
C ILE B 18 -20.40 -18.90 6.96
N GLY B 19 -20.52 -19.08 5.65
CA GLY B 19 -21.59 -18.47 4.87
C GLY B 19 -21.73 -19.24 3.58
N SER B 20 -22.92 -19.18 2.99
CA SER B 20 -23.30 -20.11 1.93
C SER B 20 -24.36 -19.50 1.02
N GLY B 21 -23.92 -19.02 -0.15
CA GLY B 21 -24.83 -18.47 -1.15
C GLY B 21 -25.15 -19.43 -2.28
N ALA B 22 -25.62 -18.85 -3.38
CA ALA B 22 -25.77 -19.56 -4.64
C ALA B 22 -24.89 -18.90 -5.74
N THR B 23 -23.74 -19.50 -6.08
CA THR B 23 -23.25 -20.69 -5.41
C THR B 23 -21.76 -20.51 -5.08
N ALA B 24 -21.55 -19.93 -3.91
CA ALA B 24 -20.24 -19.76 -3.29
C ALA B 24 -20.39 -20.10 -1.82
N VAL B 25 -19.46 -20.93 -1.31
CA VAL B 25 -19.41 -21.27 0.10
C VAL B 25 -18.11 -20.76 0.68
N VAL B 26 -18.24 -19.92 1.71
CA VAL B 26 -17.14 -19.55 2.59
C VAL B 26 -17.10 -20.54 3.78
N GLN B 27 -16.05 -21.36 3.76
CA GLN B 27 -15.85 -22.40 4.74
C GLN B 27 -14.49 -22.20 5.44
N ALA B 28 -14.47 -22.32 6.77
CA ALA B 28 -13.23 -22.37 7.52
C ALA B 28 -12.43 -23.62 7.10
N ALA B 29 -11.11 -23.54 7.15
CA ALA B 29 -10.25 -24.69 6.92
C ALA B 29 -8.97 -24.54 7.73
N TYR B 30 -8.40 -25.68 8.14
CA TYR B 30 -7.08 -25.72 8.78
C TYR B 30 -6.00 -26.09 7.76
N CYS B 31 -4.95 -25.26 7.68
CA CYS B 31 -3.80 -25.53 6.85
C CYS B 31 -2.63 -25.94 7.75
N ALA B 32 -2.37 -27.25 7.82
CA ALA B 32 -1.28 -27.80 8.64
C ALA B 32 0.13 -27.23 8.40
N PRO B 33 0.60 -27.18 7.12
CA PRO B 33 1.93 -26.59 6.90
C PRO B 33 2.11 -25.18 7.52
N LYS B 34 1.09 -24.35 7.48
CA LYS B 34 1.11 -22.99 8.03
C LYS B 34 0.63 -22.88 9.49
N LYS B 35 0.11 -23.99 10.02
CA LYS B 35 -0.54 -24.03 11.35
C LYS B 35 -1.53 -22.85 11.56
N GLU B 36 -2.45 -22.69 10.62
CA GLU B 36 -3.36 -21.56 10.64
C GLU B 36 -4.72 -22.02 10.21
N LYS B 37 -5.75 -21.51 10.88
CA LYS B 37 -7.11 -21.72 10.44
C LYS B 37 -7.43 -20.52 9.52
N VAL B 38 -7.82 -20.85 8.28
CA VAL B 38 -8.03 -19.86 7.20
C VAL B 38 -9.47 -19.94 6.72
N ALA B 39 -9.93 -18.97 5.93
CA ALA B 39 -11.24 -19.02 5.26
C ALA B 39 -11.06 -19.37 3.80
N ILE B 40 -11.81 -20.34 3.30
CA ILE B 40 -11.76 -20.65 1.88
C ILE B 40 -13.08 -20.27 1.21
N LYS B 41 -12.97 -19.43 0.16
CA LYS B 41 -14.11 -19.15 -0.68
C LYS B 41 -14.11 -20.14 -1.83
N ARG B 42 -15.19 -20.92 -1.91
CA ARG B 42 -15.35 -21.96 -2.93
C ARG B 42 -16.40 -21.59 -3.99
N ILE B 43 -15.94 -21.28 -5.19
CA ILE B 43 -16.77 -20.65 -6.23
C ILE B 43 -16.89 -21.64 -7.38
N ASN B 44 -18.12 -22.14 -7.60
CA ASN B 44 -18.38 -22.99 -8.75
C ASN B 44 -18.48 -22.14 -10.01
N LEU B 45 -17.48 -22.33 -10.87
CA LEU B 45 -17.28 -21.57 -12.11
C LEU B 45 -18.50 -21.66 -13.06
N GLU B 46 -18.97 -22.88 -13.31
CA GLU B 46 -20.21 -23.16 -14.04
C GLU B 46 -21.41 -22.29 -13.63
N LYS B 47 -21.72 -22.34 -12.33
CA LYS B 47 -22.89 -21.68 -11.75
C LYS B 47 -22.82 -20.15 -11.75
N CYS B 48 -21.60 -19.60 -11.79
CA CYS B 48 -21.40 -18.15 -11.82
C CYS B 48 -21.28 -17.57 -13.24
N GLN B 49 -21.41 -18.44 -14.25
CA GLN B 49 -21.27 -18.05 -15.69
C GLN B 49 -19.89 -17.50 -15.94
N THR B 50 -18.88 -18.14 -15.40
CA THR B 50 -17.55 -17.61 -15.51
C THR B 50 -16.57 -18.72 -15.84
N SER B 51 -15.28 -18.37 -15.91
CA SER B 51 -14.23 -19.32 -16.20
C SER B 51 -12.90 -18.84 -15.62
N MET B 52 -11.91 -19.72 -15.68
CA MET B 52 -10.60 -19.39 -15.20
C MET B 52 -9.87 -18.37 -16.07
N ASP B 53 -10.15 -18.34 -17.38
CA ASP B 53 -9.62 -17.33 -18.33
C ASP B 53 -10.17 -15.92 -18.13
N GLU B 54 -11.40 -15.85 -17.64
CA GLU B 54 -12.07 -14.62 -17.31
C GLU B 54 -11.57 -14.06 -15.96
N LEU B 55 -11.17 -14.94 -15.07
CA LEU B 55 -10.87 -14.59 -13.69
C LEU B 55 -9.36 -14.34 -13.42
N LEU B 56 -8.52 -14.66 -14.40
CA LEU B 56 -7.05 -14.58 -14.29
C LEU B 56 -6.49 -13.22 -13.91
N LYS B 57 -7.00 -12.19 -14.57
CA LYS B 57 -6.61 -10.80 -14.30
C LYS B 57 -6.99 -10.42 -12.87
N GLU B 58 -8.16 -10.90 -12.45
CA GLU B 58 -8.69 -10.69 -11.12
C GLU B 58 -7.81 -11.36 -10.08
N ILE B 59 -7.38 -12.59 -10.35
CA ILE B 59 -6.48 -13.32 -9.44
C ILE B 59 -5.07 -12.66 -9.42
N GLN B 60 -4.58 -12.26 -10.59
CA GLN B 60 -3.34 -11.52 -10.66
C GLN B 60 -3.38 -10.24 -9.83
N ALA B 61 -4.45 -9.44 -9.96
CA ALA B 61 -4.67 -8.29 -9.09
C ALA B 61 -4.69 -8.65 -7.57
N MET B 62 -5.34 -9.74 -7.18
CA MET B 62 -5.41 -10.11 -5.76
C MET B 62 -4.01 -10.52 -5.22
N SER B 63 -3.22 -11.17 -6.10
CA SER B 63 -1.88 -11.62 -5.75
C SER B 63 -0.94 -10.44 -5.48
N GLN B 64 -1.28 -9.28 -6.04
CA GLN B 64 -0.51 -8.08 -5.98
C GLN B 64 -0.94 -7.06 -4.97
N CYS B 65 -2.14 -7.16 -4.41
CA CYS B 65 -2.62 -6.11 -3.53
C CYS B 65 -2.49 -6.54 -2.06
N HIS B 66 -1.62 -5.89 -1.31
CA HIS B 66 -1.33 -6.33 0.08
C HIS B 66 -1.16 -5.12 0.96
N HIS B 67 -2.04 -5.01 1.95
CA HIS B 67 -2.22 -3.81 2.74
C HIS B 67 -2.98 -4.23 3.96
N PRO B 68 -2.71 -3.60 5.12
CA PRO B 68 -3.43 -4.03 6.35
C PRO B 68 -4.94 -3.83 6.40
N ASN B 69 -5.50 -3.00 5.51
CA ASN B 69 -6.92 -2.72 5.46
C ASN B 69 -7.60 -3.48 4.32
N ILE B 70 -6.94 -4.53 3.80
CA ILE B 70 -7.47 -5.45 2.77
C ILE B 70 -7.27 -6.86 3.28
N VAL B 71 -8.35 -7.66 3.30
CA VAL B 71 -8.29 -9.04 3.80
C VAL B 71 -7.16 -9.79 3.06
N SER B 72 -6.20 -10.40 3.79
CA SER B 72 -5.08 -11.03 3.10
C SER B 72 -5.54 -12.13 2.20
N TYR B 73 -5.20 -12.03 0.92
CA TYR B 73 -5.33 -13.14 -0.03
C TYR B 73 -4.08 -13.99 0.08
N TYR B 74 -4.25 -15.29 0.30
CA TYR B 74 -3.08 -16.17 0.46
C TYR B 74 -2.67 -16.88 -0.80
N THR B 75 -3.64 -17.54 -1.41
CA THR B 75 -3.43 -18.29 -2.63
C THR B 75 -4.82 -18.75 -3.17
N SER B 76 -4.80 -19.35 -4.36
CA SER B 76 -6.02 -19.87 -4.98
C SER B 76 -5.62 -21.05 -5.84
N PHE B 77 -6.53 -22.01 -5.99
CA PHE B 77 -6.35 -23.16 -6.85
C PHE B 77 -7.70 -23.75 -7.19
N VAL B 78 -7.73 -24.47 -8.31
CA VAL B 78 -8.94 -25.12 -8.78
C VAL B 78 -9.06 -26.48 -8.12
N VAL B 79 -10.23 -26.75 -7.56
CA VAL B 79 -10.56 -28.10 -7.09
C VAL B 79 -11.78 -28.58 -7.90
N LYS B 80 -11.52 -29.44 -8.87
CA LYS B 80 -12.54 -29.93 -9.81
C LYS B 80 -13.26 -28.79 -10.55
N ASP B 81 -14.55 -28.59 -10.25
CA ASP B 81 -15.34 -27.53 -10.89
C ASP B 81 -15.49 -26.30 -9.98
N GLU B 82 -14.60 -26.18 -9.01
CA GLU B 82 -14.57 -25.02 -8.10
C GLU B 82 -13.22 -24.31 -8.15
N LEU B 83 -13.27 -22.98 -8.13
CA LEU B 83 -12.11 -22.16 -7.78
C LEU B 83 -12.12 -21.94 -6.26
N TRP B 84 -10.99 -22.21 -5.59
CA TRP B 84 -10.85 -21.98 -4.14
C TRP B 84 -9.95 -20.80 -3.89
N LEU B 85 -10.44 -19.84 -3.10
CA LEU B 85 -9.66 -18.69 -2.70
C LEU B 85 -9.35 -18.78 -1.21
N VAL B 86 -8.06 -18.89 -0.90
CA VAL B 86 -7.59 -19.04 0.48
C VAL B 86 -7.20 -17.68 1.02
N MET B 87 -7.92 -17.24 2.07
CA MET B 87 -7.69 -15.93 2.64
C MET B 87 -7.61 -15.99 4.17
N LYS B 88 -7.22 -14.88 4.79
CA LYS B 88 -7.14 -14.80 6.23
C LYS B 88 -8.53 -14.92 6.78
N LEU B 89 -8.64 -15.69 7.87
CA LEU B 89 -9.93 -15.80 8.57
C LEU B 89 -10.08 -14.67 9.58
N LEU B 90 -11.12 -13.85 9.37
CA LEU B 90 -11.40 -12.73 10.25
C LEU B 90 -12.50 -13.15 11.23
N SER B 91 -12.22 -13.13 12.52
CA SER B 91 -13.21 -13.67 13.46
C SER B 91 -14.22 -12.64 14.02
N GLY B 92 -14.04 -11.36 13.74
CA GLY B 92 -14.90 -10.31 14.32
C GLY B 92 -16.26 -10.04 13.66
N GLY B 93 -16.66 -10.84 12.66
CA GLY B 93 -17.87 -10.53 11.85
C GLY B 93 -17.69 -9.32 10.91
N SER B 94 -18.77 -8.86 10.27
CA SER B 94 -18.73 -7.65 9.44
C SER B 94 -19.33 -6.43 10.14
N VAL B 95 -19.11 -5.24 9.58
CA VAL B 95 -19.81 -4.06 10.08
C VAL B 95 -21.35 -4.21 9.98
N LEU B 96 -21.83 -4.86 8.90
CA LEU B 96 -23.26 -5.17 8.71
C LEU B 96 -23.90 -5.97 9.83
N ASP B 97 -23.29 -7.08 10.25
CA ASP B 97 -23.67 -7.77 11.56
C ASP B 97 -23.80 -6.84 12.75
N ILE B 98 -22.89 -5.90 12.92
CA ILE B 98 -23.00 -4.98 14.05
C ILE B 98 -24.21 -4.08 13.89
N ILE B 99 -24.47 -3.69 12.64
CA ILE B 99 -25.63 -2.88 12.28
C ILE B 99 -26.90 -3.66 12.58
N LYS B 100 -26.98 -4.91 12.13
CA LYS B 100 -28.19 -5.71 12.27
C LYS B 100 -28.51 -5.88 13.74
N HIS B 101 -27.46 -6.06 14.55
CA HIS B 101 -27.54 -6.22 16.00
C HIS B 101 -28.07 -4.96 16.68
N ILE B 102 -27.53 -3.78 16.37
CA ILE B 102 -27.99 -2.51 16.97
C ILE B 102 -29.47 -2.19 16.68
N VAL B 103 -29.86 -2.38 15.42
CA VAL B 103 -31.22 -2.30 14.94
C VAL B 103 -32.17 -3.29 15.63
N ALA B 104 -31.75 -4.55 15.79
CA ALA B 104 -32.59 -5.61 16.40
C ALA B 104 -32.80 -5.37 17.89
N LYS B 105 -31.87 -4.69 18.53
CA LYS B 105 -32.01 -4.29 19.93
C LYS B 105 -32.81 -2.98 20.07
N GLY B 106 -33.28 -2.42 18.96
CA GLY B 106 -33.97 -1.11 18.98
C GLY B 106 -33.14 0.08 19.46
N GLU B 107 -31.80 -0.04 19.40
CA GLU B 107 -30.86 1.03 19.82
C GLU B 107 -30.59 2.10 18.75
N HIS B 108 -31.42 2.13 17.71
CA HIS B 108 -31.15 2.98 16.54
C HIS B 108 -32.00 4.23 16.48
N LYS B 109 -32.77 4.54 17.52
CA LYS B 109 -33.43 5.83 17.62
C LYS B 109 -32.33 6.85 17.62
N SER B 110 -32.54 8.02 17.09
CA SER B 110 -31.31 8.90 17.10
C SER B 110 -30.04 8.40 16.32
N GLY B 111 -30.11 7.27 15.61
CA GLY B 111 -28.98 6.85 14.72
C GLY B 111 -28.36 5.51 15.05
N VAL B 112 -27.71 4.87 14.07
CA VAL B 112 -27.18 3.49 14.27
C VAL B 112 -25.76 3.52 14.90
N LEU B 113 -24.73 3.87 14.14
CA LEU B 113 -23.42 4.02 14.79
C LEU B 113 -23.15 5.51 15.00
N ASP B 114 -22.49 5.87 16.09
CA ASP B 114 -22.30 7.29 16.36
C ASP B 114 -21.21 7.83 15.44
N GLU B 115 -21.16 9.15 15.28
CA GLU B 115 -20.23 9.78 14.35
C GLU B 115 -18.77 9.38 14.50
N SER B 116 -18.30 9.06 15.71
CA SER B 116 -16.87 8.75 15.92
C SER B 116 -16.49 7.29 15.61
N THR B 117 -17.44 6.37 15.76
CA THR B 117 -17.19 4.97 15.36
C THR B 117 -17.20 4.93 13.82
N ILE B 118 -18.00 5.80 13.21
CA ILE B 118 -18.12 5.81 11.73
C ILE B 118 -16.85 6.39 11.13
N ALA B 119 -16.40 7.53 11.66
CA ALA B 119 -15.10 8.11 11.33
C ALA B 119 -13.99 7.10 11.43
N THR B 120 -13.93 6.37 12.56
CA THR B 120 -12.92 5.32 12.80
C THR B 120 -12.95 4.16 11.82
N ILE B 121 -14.10 3.54 11.63
CA ILE B 121 -14.22 2.42 10.69
C ILE B 121 -13.95 2.86 9.23
N LEU B 122 -14.52 3.98 8.81
CA LEU B 122 -14.42 4.43 7.44
C LEU B 122 -13.09 5.07 7.07
N ARG B 123 -12.43 5.66 8.04
CA ARG B 123 -11.04 6.02 7.87
C ARG B 123 -10.16 4.84 7.44
N GLU B 124 -10.32 3.69 8.12
CA GLU B 124 -9.59 2.48 7.77
C GLU B 124 -10.01 1.99 6.37
N VAL B 125 -11.30 2.12 6.05
CA VAL B 125 -11.77 1.76 4.69
C VAL B 125 -11.13 2.68 3.58
N LEU B 126 -11.02 3.97 3.85
CA LEU B 126 -10.42 4.91 2.94
C LEU B 126 -8.92 4.65 2.74
N GLU B 127 -8.20 4.20 3.78
CA GLU B 127 -6.80 3.83 3.65
C GLU B 127 -6.65 2.64 2.73
N GLY B 128 -7.50 1.62 2.93
CA GLY B 128 -7.50 0.47 2.01
C GLY B 128 -7.85 0.82 0.52
N LEU B 129 -8.88 1.65 0.33
CA LEU B 129 -9.32 2.07 -0.98
C LEU B 129 -8.30 2.93 -1.67
N GLU B 130 -7.67 3.86 -0.94
CA GLU B 130 -6.61 4.69 -1.48
C GLU B 130 -5.44 3.87 -2.00
N TYR B 131 -5.08 2.84 -1.27
CA TYR B 131 -4.06 1.91 -1.69
C TYR B 131 -4.46 1.18 -2.99
N LEU B 132 -5.67 0.62 -3.04
CA LEU B 132 -6.13 -0.01 -4.28
C LEU B 132 -6.15 0.96 -5.47
N HIS B 133 -6.55 2.20 -5.24
CA HIS B 133 -6.66 3.18 -6.32
C HIS B 133 -5.31 3.63 -6.89
N LYS B 134 -4.37 3.93 -5.97
CA LYS B 134 -2.98 4.15 -6.29
C LYS B 134 -2.39 3.05 -7.14
N ASN B 135 -2.72 1.81 -6.82
CA ASN B 135 -2.33 0.65 -7.61
C ASN B 135 -3.10 0.47 -8.93
N GLY B 136 -3.90 1.43 -9.33
CA GLY B 136 -4.69 1.30 -10.57
C GLY B 136 -5.82 0.29 -10.48
N GLN B 137 -6.32 0.05 -9.26
CA GLN B 137 -7.36 -0.96 -9.05
C GLN B 137 -8.67 -0.31 -8.62
N ILE B 138 -9.74 -1.07 -8.70
CA ILE B 138 -11.10 -0.63 -8.26
C ILE B 138 -11.66 -1.78 -7.41
N HIS B 139 -12.28 -1.47 -6.29
CA HIS B 139 -12.85 -2.56 -5.51
C HIS B 139 -14.17 -3.05 -6.11
N ARG B 140 -15.04 -2.10 -6.45
CA ARG B 140 -16.34 -2.37 -7.08
C ARG B 140 -17.50 -2.73 -6.13
N ASP B 141 -17.22 -3.25 -4.94
CA ASP B 141 -18.32 -3.72 -4.07
C ASP B 141 -18.18 -3.29 -2.61
N VAL B 142 -17.88 -2.01 -2.40
CA VAL B 142 -17.81 -1.37 -1.08
C VAL B 142 -19.19 -1.21 -0.47
N LYS B 143 -19.34 -1.82 0.72
CA LYS B 143 -20.61 -1.89 1.48
C LYS B 143 -20.23 -2.36 2.88
N ALA B 144 -21.09 -2.10 3.85
CA ALA B 144 -20.90 -2.58 5.25
C ALA B 144 -20.62 -4.08 5.34
N GLY B 145 -21.31 -4.87 4.54
CA GLY B 145 -21.11 -6.31 4.53
C GLY B 145 -19.77 -6.82 4.08
N ASN B 146 -18.95 -5.94 3.50
CA ASN B 146 -17.60 -6.26 3.08
C ASN B 146 -16.52 -5.57 3.92
N ILE B 147 -16.86 -5.08 5.10
CA ILE B 147 -15.94 -4.44 6.02
C ILE B 147 -15.95 -5.43 7.18
N LEU B 148 -14.86 -6.16 7.31
CA LEU B 148 -14.69 -7.24 8.27
C LEU B 148 -13.83 -6.74 9.43
N LEU B 149 -14.09 -7.30 10.62
CA LEU B 149 -13.40 -6.90 11.83
C LEU B 149 -12.52 -8.04 12.33
N GLY B 150 -11.25 -7.76 12.60
CA GLY B 150 -10.35 -8.75 13.22
C GLY B 150 -10.53 -8.75 14.73
N GLU B 151 -10.09 -9.84 15.38
CA GLU B 151 -10.05 -9.93 16.84
C GLU B 151 -9.07 -8.90 17.41
N ASP B 152 -8.12 -8.47 16.59
CA ASP B 152 -7.15 -7.46 17.01
C ASP B 152 -7.71 -6.02 16.90
N GLY B 153 -9.00 -5.85 16.60
CA GLY B 153 -9.56 -4.49 16.37
C GLY B 153 -9.27 -3.88 14.99
N SER B 154 -8.68 -4.66 14.11
CA SER B 154 -8.41 -4.23 12.78
C SER B 154 -9.71 -4.23 11.90
N VAL B 155 -9.72 -3.30 10.93
CA VAL B 155 -10.80 -3.12 9.96
C VAL B 155 -10.17 -3.45 8.59
N GLN B 156 -10.76 -4.40 7.87
CA GLN B 156 -10.28 -4.93 6.58
C GLN B 156 -11.43 -5.04 5.54
N ILE B 157 -11.19 -4.55 4.34
CA ILE B 157 -12.15 -4.66 3.24
C ILE B 157 -12.01 -6.00 2.62
N ALA B 158 -13.15 -6.67 2.42
CA ALA B 158 -13.19 -8.03 1.88
C ALA B 158 -13.63 -8.03 0.39
N ASP B 159 -13.31 -9.12 -0.31
CA ASP B 159 -13.88 -9.47 -1.62
C ASP B 159 -13.28 -8.71 -2.81
N PHE B 160 -12.17 -8.00 -2.57
CA PHE B 160 -11.39 -7.44 -3.62
C PHE B 160 -11.08 -8.55 -4.63
N GLY B 161 -11.20 -8.26 -5.93
CA GLY B 161 -10.87 -9.26 -6.93
C GLY B 161 -12.07 -10.04 -7.46
N VAL B 162 -11.92 -11.36 -7.50
CA VAL B 162 -12.90 -12.26 -8.10
C VAL B 162 -14.31 -12.06 -7.53
N SER B 163 -14.45 -12.07 -6.20
CA SER B 163 -15.78 -11.94 -5.59
C SER B 163 -16.55 -10.70 -5.96
N ALA B 164 -15.89 -9.55 -5.82
CA ALA B 164 -16.45 -8.25 -6.18
C ALA B 164 -16.79 -8.18 -7.68
N PHE B 165 -15.86 -8.66 -8.49
CA PHE B 165 -16.00 -8.76 -9.92
C PHE B 165 -17.29 -9.53 -10.26
N LEU B 166 -17.45 -10.73 -9.71
CA LEU B 166 -18.64 -11.53 -9.99
C LEU B 166 -19.91 -10.90 -9.42
N ALA B 167 -19.81 -10.26 -8.24
CA ALA B 167 -20.96 -9.58 -7.60
C ALA B 167 -21.50 -8.41 -8.42
N THR B 168 -20.63 -7.80 -9.21
CA THR B 168 -21.02 -6.56 -9.90
C THR B 168 -21.14 -6.75 -11.39
N GLY B 169 -21.29 -8.01 -11.82
CA GLY B 169 -21.74 -8.31 -13.17
C GLY B 169 -20.67 -8.82 -14.10
N GLY B 170 -19.45 -8.95 -13.58
CA GLY B 170 -18.29 -9.37 -14.36
C GLY B 170 -17.80 -8.23 -15.21
N ASP B 171 -17.46 -8.51 -16.46
CA ASP B 171 -17.10 -7.44 -17.38
C ASP B 171 -18.35 -6.75 -18.00
N THR B 184 -14.24 10.73 -34.01
CA THR B 184 -14.52 11.69 -32.94
C THR B 184 -16.01 11.61 -32.58
N PRO B 185 -16.32 11.51 -31.28
CA PRO B 185 -17.67 11.24 -30.77
C PRO B 185 -18.56 12.47 -30.60
N CYS B 186 -18.40 13.46 -31.47
CA CYS B 186 -19.15 14.71 -31.40
C CYS B 186 -20.70 14.63 -31.34
N TRP B 187 -21.27 13.60 -31.95
CA TRP B 187 -22.73 13.40 -32.05
C TRP B 187 -23.28 12.39 -31.04
N MET B 188 -22.39 11.77 -30.28
CA MET B 188 -22.73 10.57 -29.55
C MET B 188 -23.39 10.99 -28.22
N ALA B 189 -24.52 10.40 -27.85
CA ALA B 189 -25.20 10.79 -26.58
C ALA B 189 -24.35 10.51 -25.31
N PRO B 190 -24.57 11.31 -24.23
CA PRO B 190 -23.79 11.15 -22.99
C PRO B 190 -23.82 9.72 -22.43
N GLU B 191 -25.00 9.07 -22.42
CA GLU B 191 -25.12 7.70 -21.85
C GLU B 191 -24.34 6.62 -22.67
N VAL B 192 -24.20 6.82 -23.99
CA VAL B 192 -23.30 6.03 -24.83
C VAL B 192 -21.82 6.39 -24.55
N MET B 193 -21.53 7.68 -24.46
CA MET B 193 -20.21 8.11 -24.03
C MET B 193 -19.76 7.46 -22.72
N GLU B 194 -20.67 7.44 -21.74
CA GLU B 194 -20.41 6.88 -20.43
C GLU B 194 -20.00 5.42 -20.55
N GLN B 195 -20.74 4.66 -21.36
CA GLN B 195 -20.38 3.28 -21.45
C GLN B 195 -19.17 2.99 -22.31
N VAL B 196 -18.92 3.88 -23.27
CA VAL B 196 -17.74 3.82 -24.13
C VAL B 196 -16.46 4.04 -23.31
N ARG B 197 -16.47 5.00 -22.38
CA ARG B 197 -15.29 5.23 -21.58
C ARG B 197 -15.12 4.24 -20.39
N GLY B 198 -16.17 3.46 -20.11
CA GLY B 198 -16.18 2.60 -18.95
C GLY B 198 -16.25 3.48 -17.69
N TYR B 199 -15.69 2.99 -16.61
CA TYR B 199 -15.70 3.76 -15.37
C TYR B 199 -14.37 3.57 -14.59
N ASP B 200 -14.22 4.31 -13.50
CA ASP B 200 -12.96 4.24 -12.78
C ASP B 200 -13.12 4.18 -11.25
N PHE B 201 -12.01 4.37 -10.54
CA PHE B 201 -11.97 4.25 -9.09
C PHE B 201 -12.95 5.18 -8.38
N LYS B 202 -13.32 6.27 -9.04
CA LYS B 202 -14.26 7.21 -8.46
C LYS B 202 -15.62 6.54 -8.18
N ALA B 203 -15.93 5.46 -8.91
CA ALA B 203 -17.13 4.64 -8.63
C ALA B 203 -17.14 4.12 -7.20
N ASP B 204 -15.96 3.74 -6.69
CA ASP B 204 -15.81 3.29 -5.29
C ASP B 204 -16.15 4.39 -4.31
N ILE B 205 -15.91 5.64 -4.71
CA ILE B 205 -16.12 6.80 -3.85
C ILE B 205 -17.61 7.04 -3.67
N TRP B 206 -18.39 6.85 -4.75
CA TRP B 206 -19.86 6.81 -4.61
C TRP B 206 -20.34 5.68 -3.65
N SER B 207 -19.89 4.44 -3.88
CA SER B 207 -20.27 3.30 -2.99
C SER B 207 -19.84 3.54 -1.54
N PHE B 208 -18.71 4.21 -1.35
CA PHE B 208 -18.24 4.61 -0.04
C PHE B 208 -19.24 5.60 0.63
N GLY B 209 -19.75 6.59 -0.12
CA GLY B 209 -20.78 7.49 0.42
C GLY B 209 -22.08 6.76 0.74
N ILE B 210 -22.47 5.73 -0.03
CA ILE B 210 -23.65 4.91 0.29
C ILE B 210 -23.45 4.14 1.61
N THR B 211 -22.24 3.61 1.78
CA THR B 211 -21.83 2.82 2.91
C THR B 211 -21.85 3.70 4.15
N ALA B 212 -21.44 4.96 4.04
CA ALA B 212 -21.60 5.89 5.17
C ALA B 212 -23.06 6.07 5.58
N ILE B 213 -23.95 6.19 4.59
CA ILE B 213 -25.39 6.26 4.88
C ILE B 213 -25.88 4.99 5.57
N GLU B 214 -25.47 3.83 5.07
CA GLU B 214 -25.85 2.56 5.66
C GLU B 214 -25.39 2.39 7.10
N LEU B 215 -24.20 2.89 7.45
CA LEU B 215 -23.74 2.74 8.84
C LEU B 215 -24.44 3.66 9.80
N ALA B 216 -24.98 4.77 9.27
CA ALA B 216 -25.66 5.76 10.07
C ALA B 216 -27.15 5.42 10.23
N THR B 217 -27.79 4.99 9.12
CA THR B 217 -29.22 4.67 9.12
C THR B 217 -29.52 3.17 9.17
N GLY B 218 -28.53 2.31 8.93
CA GLY B 218 -28.73 0.86 8.94
C GLY B 218 -29.05 0.22 7.59
N ALA B 219 -29.23 1.04 6.55
CA ALA B 219 -29.59 0.53 5.24
C ALA B 219 -29.14 1.48 4.12
N ALA B 220 -28.92 0.97 2.92
CA ALA B 220 -28.69 1.88 1.76
C ALA B 220 -30.01 2.64 1.43
N PRO B 221 -29.94 3.85 0.86
CA PRO B 221 -31.13 4.69 0.60
C PRO B 221 -32.33 4.04 -0.04
N TYR B 222 -32.13 3.27 -1.10
CA TYR B 222 -33.28 2.74 -1.86
C TYR B 222 -33.57 1.26 -1.54
N HIS B 223 -33.17 0.86 -0.32
CA HIS B 223 -33.16 -0.54 0.10
C HIS B 223 -34.57 -1.12 0.08
N LYS B 224 -35.60 -0.27 0.12
CA LYS B 224 -36.99 -0.78 0.12
C LYS B 224 -37.50 -1.23 -1.27
N TYR B 225 -36.69 -1.09 -2.30
CA TYR B 225 -37.18 -1.31 -3.65
C TYR B 225 -36.57 -2.53 -4.31
N PRO B 226 -37.30 -3.16 -5.26
CA PRO B 226 -36.68 -4.30 -5.98
C PRO B 226 -35.42 -3.90 -6.77
N PRO B 227 -34.53 -4.87 -7.08
CA PRO B 227 -33.26 -4.58 -7.76
C PRO B 227 -33.31 -3.70 -9.02
N MET B 228 -34.27 -3.91 -9.93
CA MET B 228 -34.34 -3.09 -11.15
C MET B 228 -34.93 -1.69 -10.91
N LYS B 229 -35.84 -1.52 -9.95
CA LYS B 229 -36.20 -0.17 -9.54
C LYS B 229 -35.09 0.65 -8.84
N VAL B 230 -34.15 0.02 -8.14
CA VAL B 230 -33.04 0.78 -7.51
C VAL B 230 -32.21 1.46 -8.60
N LEU B 231 -32.01 0.78 -9.73
CA LEU B 231 -31.28 1.30 -10.87
C LEU B 231 -31.94 2.55 -11.37
N MET B 232 -33.27 2.48 -11.54
CA MET B 232 -33.99 3.59 -12.09
C MET B 232 -34.12 4.72 -11.05
N LEU B 233 -34.45 4.36 -9.82
CA LEU B 233 -34.61 5.35 -8.75
C LEU B 233 -33.36 6.18 -8.62
N THR B 234 -32.22 5.50 -8.64
CA THR B 234 -30.94 6.20 -8.58
C THR B 234 -30.71 7.15 -9.74
N LEU B 235 -30.93 6.69 -10.96
CA LEU B 235 -30.65 7.50 -12.14
C LEU B 235 -31.67 8.60 -12.38
N GLN B 236 -32.91 8.41 -11.91
CA GLN B 236 -33.96 9.43 -12.13
C GLN B 236 -34.25 10.37 -10.94
N ASN B 237 -33.47 10.24 -9.89
CA ASN B 237 -33.52 11.20 -8.80
C ASN B 237 -32.16 11.88 -8.59
N ASP B 238 -32.21 13.04 -7.92
CA ASP B 238 -31.04 13.68 -7.33
C ASP B 238 -30.30 12.65 -6.47
N PRO B 239 -28.97 12.84 -6.24
CA PRO B 239 -28.26 11.85 -5.43
C PRO B 239 -28.96 11.65 -4.08
N PRO B 240 -28.91 10.44 -3.53
CA PRO B 240 -29.55 10.30 -2.20
C PRO B 240 -28.76 10.98 -1.05
N SER B 241 -29.43 11.22 0.07
CA SER B 241 -28.80 11.69 1.32
C SER B 241 -29.22 10.78 2.44
N LEU B 242 -28.89 11.14 3.68
CA LEU B 242 -29.23 10.32 4.86
C LEU B 242 -30.73 10.11 5.02
N GLU B 243 -31.48 11.16 4.64
CA GLU B 243 -32.93 11.28 4.71
C GLU B 243 -33.69 10.39 3.74
N THR B 244 -33.02 9.89 2.68
CA THR B 244 -33.76 9.15 1.62
C THR B 244 -34.48 7.88 2.09
N GLY B 245 -33.78 7.04 2.84
CA GLY B 245 -34.29 5.73 3.21
C GLY B 245 -34.59 5.58 4.69
N VAL B 246 -34.15 6.56 5.47
CA VAL B 246 -34.19 6.45 6.93
C VAL B 246 -35.65 6.23 7.38
N GLN B 247 -35.85 5.40 8.40
CA GLN B 247 -37.20 5.15 8.97
C GLN B 247 -37.90 6.44 9.42
N ASP B 248 -37.15 7.26 10.18
CA ASP B 248 -37.60 8.50 10.80
C ASP B 248 -36.46 9.51 10.77
N LYS B 249 -36.79 10.79 10.61
CA LYS B 249 -35.77 11.85 10.55
C LYS B 249 -35.16 12.12 11.93
N GLU B 250 -35.79 11.58 12.97
CA GLU B 250 -35.26 11.64 14.32
C GLU B 250 -33.94 10.87 14.50
N MET B 251 -33.79 9.77 13.77
CA MET B 251 -32.51 9.03 13.74
C MET B 251 -31.31 9.83 13.19
N LEU B 252 -31.54 11.00 12.64
CA LEU B 252 -30.49 11.78 12.00
C LEU B 252 -30.00 12.94 12.86
N LYS B 253 -30.33 12.91 14.16
CA LYS B 253 -29.80 13.90 15.11
C LYS B 253 -28.39 13.62 15.69
N LYS B 254 -27.89 12.39 15.55
CA LYS B 254 -26.49 12.05 15.94
C LYS B 254 -25.45 12.60 14.95
N TYR B 255 -25.92 13.20 13.86
CA TYR B 255 -25.12 13.45 12.69
C TYR B 255 -25.16 14.92 12.32
N GLY B 256 -23.98 15.52 12.11
CA GLY B 256 -23.86 16.95 11.90
C GLY B 256 -23.53 17.33 10.48
N LYS B 257 -23.14 18.57 10.29
CA LYS B 257 -22.95 19.15 8.96
C LYS B 257 -21.74 18.64 8.20
N SER B 258 -20.65 18.39 8.91
CA SER B 258 -19.41 17.94 8.28
C SER B 258 -19.55 16.51 7.74
N PHE B 259 -20.26 15.65 8.46
CA PHE B 259 -20.64 14.30 8.00
C PHE B 259 -21.52 14.36 6.73
N ARG B 260 -22.52 15.23 6.74
CA ARG B 260 -23.44 15.37 5.62
C ARG B 260 -22.73 15.92 4.40
N LYS B 261 -21.82 16.88 4.61
CA LYS B 261 -21.04 17.43 3.52
C LYS B 261 -20.07 16.40 2.97
N MET B 262 -19.55 15.53 3.86
CA MET B 262 -18.62 14.47 3.47
C MET B 262 -19.35 13.52 2.54
N ILE B 263 -20.54 13.11 2.97
CA ILE B 263 -21.41 12.25 2.20
C ILE B 263 -21.78 12.88 0.85
N SER B 264 -22.19 14.13 0.85
CA SER B 264 -22.60 14.77 -0.38
C SER B 264 -21.45 15.01 -1.36
N LEU B 265 -20.21 15.11 -0.86
CA LEU B 265 -19.09 15.17 -1.79
C LEU B 265 -18.91 13.83 -2.51
N CYS B 266 -19.15 12.73 -1.80
CA CYS B 266 -19.04 11.40 -2.37
C CYS B 266 -20.12 11.14 -3.40
N LEU B 267 -21.34 11.51 -3.04
CA LEU B 267 -22.57 11.25 -3.82
C LEU B 267 -22.90 12.35 -4.85
N GLN B 268 -22.03 12.56 -5.82
CA GLN B 268 -22.29 13.47 -6.95
C GLN B 268 -22.35 12.52 -8.11
N LYS B 269 -23.28 12.80 -9.02
CA LYS B 269 -23.52 11.97 -10.21
C LYS B 269 -22.35 11.99 -11.16
N ASP B 270 -21.61 13.09 -11.18
CA ASP B 270 -20.42 13.29 -12.03
C ASP B 270 -19.23 12.71 -11.24
N PRO B 271 -18.66 11.59 -11.70
CA PRO B 271 -17.53 11.01 -10.98
C PRO B 271 -16.34 11.94 -10.84
N GLU B 272 -16.11 12.86 -11.79
CA GLU B 272 -14.98 13.76 -11.74
C GLU B 272 -15.02 14.73 -10.55
N LYS B 273 -16.24 15.02 -10.09
CA LYS B 273 -16.45 15.95 -8.95
C LYS B 273 -16.24 15.27 -7.60
N ARG B 274 -16.22 13.95 -7.59
CA ARG B 274 -16.01 13.23 -6.36
C ARG B 274 -14.54 13.39 -5.91
N PRO B 275 -14.31 13.44 -4.59
CA PRO B 275 -12.92 13.54 -4.18
C PRO B 275 -12.26 12.13 -4.28
N THR B 276 -10.93 12.07 -4.28
CA THR B 276 -10.23 10.78 -4.14
C THR B 276 -10.30 10.31 -2.69
N ALA B 277 -9.98 9.06 -2.43
CA ALA B 277 -9.94 8.58 -1.05
C ALA B 277 -8.91 9.37 -0.19
N ALA B 278 -7.75 9.75 -0.77
CA ALA B 278 -6.73 10.53 -0.03
C ALA B 278 -7.25 11.91 0.36
N GLU B 279 -7.95 12.60 -0.55
CA GLU B 279 -8.57 13.87 -0.22
C GLU B 279 -9.63 13.70 0.87
N LEU B 280 -10.39 12.61 0.82
CA LEU B 280 -11.40 12.32 1.82
C LEU B 280 -10.82 12.07 3.17
N LEU B 281 -9.68 11.41 3.22
CA LEU B 281 -8.96 11.20 4.47
C LEU B 281 -8.63 12.50 5.20
N ARG B 282 -8.68 13.61 4.46
CA ARG B 282 -8.31 14.95 4.95
C ARG B 282 -9.54 15.71 5.36
N HIS B 283 -10.72 15.16 5.11
CA HIS B 283 -11.94 15.89 5.37
C HIS B 283 -12.08 16.17 6.87
N LYS B 284 -12.67 17.31 7.19
CA LYS B 284 -13.01 17.68 8.54
C LYS B 284 -13.65 16.50 9.33
N PHE B 285 -14.58 15.77 8.72
CA PHE B 285 -15.26 14.66 9.40
C PHE B 285 -14.30 13.63 10.01
N PHE B 286 -13.22 13.31 9.29
CA PHE B 286 -12.35 12.22 9.71
C PHE B 286 -11.39 12.59 10.86
N GLN B 287 -11.49 13.85 11.30
CA GLN B 287 -10.92 14.31 12.59
C GLN B 287 -11.64 13.73 13.83
N LYS B 288 -12.85 13.19 13.64
CA LYS B 288 -13.60 12.57 14.75
C LYS B 288 -13.17 11.12 15.02
N ALA B 289 -12.27 10.59 14.20
CA ALA B 289 -11.79 9.24 14.38
C ALA B 289 -11.00 9.12 15.68
N LYS B 290 -11.58 8.39 16.63
CA LYS B 290 -10.88 8.10 17.87
C LYS B 290 -10.31 6.68 17.85
N ALA C 2 -37.11 -7.30 -54.76
CA ALA C 2 -37.92 -8.58 -54.74
C ALA C 2 -37.27 -9.71 -55.54
N LEU C 3 -36.67 -9.37 -56.69
CA LEU C 3 -35.80 -10.29 -57.38
C LEU C 3 -34.47 -10.18 -56.66
N PRO C 4 -33.79 -11.31 -56.43
CA PRO C 4 -32.71 -11.24 -55.43
C PRO C 4 -31.47 -10.56 -56.01
N TRP C 5 -30.67 -9.93 -55.16
CA TRP C 5 -29.41 -9.38 -55.61
C TRP C 5 -28.36 -10.47 -55.62
N SER C 6 -27.45 -10.40 -56.58
CA SER C 6 -26.38 -11.39 -56.69
C SER C 6 -25.40 -11.31 -55.53
N ILE C 7 -24.88 -12.48 -55.13
CA ILE C 7 -23.89 -12.57 -54.06
C ILE C 7 -22.53 -13.04 -54.60
N ASN C 8 -22.42 -13.00 -55.93
CA ASN C 8 -21.19 -13.32 -56.64
C ASN C 8 -20.44 -12.06 -56.98
N ARG C 9 -19.22 -11.94 -56.46
CA ARG C 9 -18.36 -10.77 -56.66
C ARG C 9 -18.23 -10.35 -58.14
N ASP C 10 -18.12 -11.34 -59.02
CA ASP C 10 -17.96 -11.11 -60.47
C ASP C 10 -19.15 -10.44 -61.17
N ASP C 11 -20.30 -10.39 -60.50
CA ASP C 11 -21.47 -9.72 -61.07
C ASP C 11 -21.44 -8.20 -60.94
N TYR C 12 -20.39 -7.71 -60.29
CA TYR C 12 -20.27 -6.31 -59.88
C TYR C 12 -18.97 -5.77 -60.43
N GLU C 13 -19.05 -4.81 -61.36
CA GLU C 13 -17.84 -4.21 -61.89
C GLU C 13 -17.55 -2.95 -61.12
N LEU C 14 -16.39 -2.93 -60.45
CA LEU C 14 -15.99 -1.81 -59.58
C LEU C 14 -15.58 -0.58 -60.43
N GLN C 15 -15.97 0.62 -59.98
CA GLN C 15 -15.81 1.86 -60.75
C GLN C 15 -15.22 2.97 -59.87
N GLU C 16 -15.71 4.22 -59.94
CA GLU C 16 -15.15 5.32 -59.12
C GLU C 16 -15.19 4.97 -57.66
N VAL C 17 -14.06 5.22 -56.99
CA VAL C 17 -13.92 5.35 -55.55
C VAL C 17 -14.50 6.70 -55.12
N ILE C 18 -15.49 6.63 -54.24
CA ILE C 18 -16.23 7.80 -53.79
C ILE C 18 -15.62 8.29 -52.46
N GLY C 19 -15.24 7.36 -51.62
CA GLY C 19 -14.70 7.68 -50.29
C GLY C 19 -13.82 6.55 -49.84
N SER C 20 -12.66 6.88 -49.31
CA SER C 20 -11.69 5.86 -48.89
C SER C 20 -11.16 6.23 -47.53
N GLY C 21 -11.15 5.24 -46.64
CA GLY C 21 -10.55 5.43 -45.31
C GLY C 21 -9.63 4.31 -44.88
N ALA C 22 -9.17 4.41 -43.64
CA ALA C 22 -8.70 3.24 -42.88
C ALA C 22 -9.98 2.48 -42.52
N THR C 23 -10.02 1.19 -42.85
CA THR C 23 -11.16 0.32 -42.50
C THR C 23 -12.25 0.14 -43.59
N ALA C 24 -12.54 1.19 -44.37
CA ALA C 24 -13.66 1.17 -45.35
C ALA C 24 -13.49 2.06 -46.59
N VAL C 25 -13.84 1.52 -47.77
CA VAL C 25 -13.93 2.25 -49.05
C VAL C 25 -15.42 2.24 -49.50
N VAL C 26 -15.95 3.37 -49.93
CA VAL C 26 -17.20 3.37 -50.72
C VAL C 26 -16.86 3.57 -52.19
N GLN C 27 -17.31 2.62 -53.02
CA GLN C 27 -17.00 2.57 -54.43
C GLN C 27 -18.30 2.38 -55.25
N ALA C 28 -18.44 3.12 -56.34
CA ALA C 28 -19.50 2.85 -57.31
C ALA C 28 -19.21 1.50 -57.96
N ALA C 29 -20.25 0.79 -58.40
CA ALA C 29 -20.10 -0.48 -59.13
C ALA C 29 -21.26 -0.64 -60.07
N TYR C 30 -20.99 -1.29 -61.19
CA TYR C 30 -22.02 -1.72 -62.06
C TYR C 30 -22.41 -3.18 -61.77
N CYS C 31 -23.71 -3.38 -61.53
CA CYS C 31 -24.24 -4.72 -61.36
C CYS C 31 -24.93 -5.15 -62.66
N ALA C 32 -24.24 -5.98 -63.44
CA ALA C 32 -24.73 -6.38 -64.75
C ALA C 32 -26.10 -7.08 -64.73
N PRO C 33 -26.25 -8.16 -63.93
CA PRO C 33 -27.58 -8.82 -63.84
C PRO C 33 -28.76 -7.89 -63.51
N LYS C 34 -28.53 -6.86 -62.69
CA LYS C 34 -29.59 -5.92 -62.32
C LYS C 34 -29.65 -4.71 -63.27
N LYS C 35 -28.66 -4.59 -64.17
CA LYS C 35 -28.48 -3.43 -65.03
C LYS C 35 -28.58 -2.16 -64.18
N GLU C 36 -27.87 -2.13 -63.06
CA GLU C 36 -27.97 -0.98 -62.16
C GLU C 36 -26.59 -0.59 -61.58
N LYS C 37 -26.33 0.71 -61.53
CA LYS C 37 -25.13 1.26 -60.88
C LYS C 37 -25.40 1.40 -59.38
N VAL C 38 -24.61 0.70 -58.58
CA VAL C 38 -24.80 0.66 -57.12
C VAL C 38 -23.61 1.33 -56.44
N ALA C 39 -23.69 1.53 -55.12
CA ALA C 39 -22.53 1.85 -54.28
C ALA C 39 -22.18 0.60 -53.47
N ILE C 40 -20.91 0.27 -53.39
CA ILE C 40 -20.47 -0.78 -52.46
C ILE C 40 -19.56 -0.16 -51.40
N LYS C 41 -19.94 -0.36 -50.13
CA LYS C 41 -19.10 -0.06 -48.98
C LYS C 41 -18.34 -1.34 -48.62
N ARG C 42 -17.03 -1.33 -48.90
CA ARG C 42 -16.14 -2.45 -48.67
C ARG C 42 -15.43 -2.23 -47.28
N ILE C 43 -15.70 -3.14 -46.34
CA ILE C 43 -15.25 -2.95 -44.96
C ILE C 43 -14.20 -3.98 -44.66
N ASN C 44 -13.04 -3.54 -44.23
CA ASN C 44 -12.04 -4.50 -43.84
C ASN C 44 -12.32 -5.06 -42.43
N LEU C 45 -12.77 -6.30 -42.38
CA LEU C 45 -13.20 -6.91 -41.12
C LEU C 45 -12.05 -7.01 -40.15
N GLU C 46 -10.88 -7.35 -40.68
CA GLU C 46 -9.64 -7.47 -39.89
C GLU C 46 -9.20 -6.12 -39.29
N LYS C 47 -9.06 -5.10 -40.14
CA LYS C 47 -8.76 -3.73 -39.71
C LYS C 47 -9.80 -3.19 -38.73
N CYS C 48 -11.05 -3.62 -38.86
CA CYS C 48 -12.11 -3.17 -37.95
C CYS C 48 -12.19 -4.00 -36.67
N GLN C 49 -11.29 -4.99 -36.54
CA GLN C 49 -11.21 -5.88 -35.38
C GLN C 49 -12.52 -6.60 -35.13
N THR C 50 -13.07 -7.24 -36.17
CA THR C 50 -14.44 -7.75 -36.10
C THR C 50 -14.58 -9.01 -36.97
N SER C 51 -15.77 -9.62 -36.94
CA SER C 51 -16.02 -10.82 -37.74
C SER C 51 -17.47 -10.83 -38.25
N MET C 52 -17.78 -11.77 -39.14
CA MET C 52 -19.15 -11.99 -39.59
C MET C 52 -20.09 -12.51 -38.49
N ASP C 53 -19.54 -13.29 -37.54
CA ASP C 53 -20.29 -13.73 -36.35
C ASP C 53 -20.87 -12.56 -35.56
N GLU C 54 -20.00 -11.63 -35.20
CA GLU C 54 -20.37 -10.43 -34.47
C GLU C 54 -21.27 -9.50 -35.29
N LEU C 55 -21.31 -9.69 -36.61
CA LEU C 55 -22.03 -8.76 -37.45
C LEU C 55 -23.39 -9.27 -37.93
N LEU C 56 -23.59 -10.56 -37.79
CA LEU C 56 -24.81 -11.22 -38.20
C LEU C 56 -26.12 -10.50 -37.87
N LYS C 57 -26.29 -10.06 -36.63
CA LYS C 57 -27.55 -9.46 -36.17
C LYS C 57 -27.77 -8.09 -36.79
N GLU C 58 -26.66 -7.36 -36.98
CA GLU C 58 -26.65 -6.10 -37.75
C GLU C 58 -27.13 -6.32 -39.19
N ILE C 59 -26.58 -7.32 -39.85
CA ILE C 59 -26.92 -7.62 -41.26
C ILE C 59 -28.37 -8.02 -41.42
N GLN C 60 -28.80 -8.93 -40.55
CA GLN C 60 -30.19 -9.31 -40.37
C GLN C 60 -31.11 -8.10 -40.21
N ALA C 61 -30.81 -7.20 -39.28
CA ALA C 61 -31.61 -5.97 -39.12
C ALA C 61 -31.64 -5.16 -40.42
N MET C 62 -30.46 -4.95 -41.04
CA MET C 62 -30.37 -4.29 -42.36
C MET C 62 -31.30 -4.86 -43.46
N SER C 63 -31.36 -6.18 -43.57
CA SER C 63 -32.18 -6.87 -44.59
C SER C 63 -33.70 -6.82 -44.26
N GLN C 64 -34.05 -6.35 -43.06
CA GLN C 64 -35.44 -6.30 -42.66
C GLN C 64 -35.98 -4.87 -42.65
N CYS C 65 -35.08 -3.90 -42.56
CA CYS C 65 -35.47 -2.49 -42.36
C CYS C 65 -35.43 -1.65 -43.62
N HIS C 66 -36.61 -1.46 -44.24
CA HIS C 66 -36.74 -0.74 -45.49
C HIS C 66 -37.79 0.37 -45.39
N HIS C 67 -37.40 1.56 -45.80
CA HIS C 67 -38.22 2.75 -45.61
C HIS C 67 -37.65 3.73 -46.61
N PRO C 68 -38.48 4.63 -47.16
CA PRO C 68 -38.03 5.64 -48.15
C PRO C 68 -36.99 6.60 -47.59
N ASN C 69 -37.03 6.83 -46.29
CA ASN C 69 -36.01 7.69 -45.62
C ASN C 69 -34.83 6.95 -45.04
N ILE C 70 -34.61 5.72 -45.51
CA ILE C 70 -33.42 4.95 -45.10
C ILE C 70 -32.76 4.44 -46.35
N VAL C 71 -31.47 4.74 -46.56
CA VAL C 71 -30.72 4.22 -47.73
C VAL C 71 -31.02 2.72 -47.93
N SER C 72 -31.43 2.37 -49.15
CA SER C 72 -31.74 0.97 -49.52
C SER C 72 -30.54 0.06 -49.46
N TYR C 73 -30.71 -1.00 -48.71
CA TYR C 73 -29.70 -2.01 -48.56
C TYR C 73 -30.08 -3.10 -49.53
N TYR C 74 -29.12 -3.61 -50.29
CA TYR C 74 -29.48 -4.58 -51.32
C TYR C 74 -29.08 -5.99 -50.93
N THR C 75 -27.80 -6.16 -50.64
CA THR C 75 -27.25 -7.45 -50.26
C THR C 75 -25.88 -7.26 -49.61
N SER C 76 -25.26 -8.35 -49.17
CA SER C 76 -23.89 -8.27 -48.64
C SER C 76 -23.26 -9.63 -48.80
N PHE C 77 -21.94 -9.65 -48.96
CA PHE C 77 -21.20 -10.89 -49.04
C PHE C 77 -19.75 -10.58 -48.73
N VAL C 78 -18.96 -11.61 -48.43
CA VAL C 78 -17.54 -11.46 -48.07
C VAL C 78 -16.66 -11.71 -49.27
N VAL C 79 -15.72 -10.79 -49.50
CA VAL C 79 -14.69 -10.94 -50.53
C VAL C 79 -13.30 -10.91 -49.89
N LYS C 80 -12.63 -12.06 -49.88
CA LYS C 80 -11.32 -12.20 -49.22
C LYS C 80 -11.41 -11.68 -47.76
N ASP C 81 -10.69 -10.60 -47.45
CA ASP C 81 -10.71 -9.96 -46.12
C ASP C 81 -11.82 -8.91 -45.88
N GLU C 82 -12.72 -8.71 -46.86
CA GLU C 82 -13.70 -7.62 -46.80
C GLU C 82 -15.17 -8.04 -46.75
N LEU C 83 -15.93 -7.35 -45.93
CA LEU C 83 -17.39 -7.33 -46.06
C LEU C 83 -17.84 -6.26 -47.06
N TRP C 84 -18.46 -6.69 -48.17
CA TRP C 84 -19.03 -5.74 -49.15
C TRP C 84 -20.50 -5.51 -48.85
N LEU C 85 -20.88 -4.25 -48.61
CA LEU C 85 -22.29 -3.89 -48.45
C LEU C 85 -22.80 -3.18 -49.75
N VAL C 86 -23.77 -3.80 -50.42
CA VAL C 86 -24.28 -3.32 -51.70
C VAL C 86 -25.59 -2.55 -51.41
N MET C 87 -25.60 -1.28 -51.82
CA MET C 87 -26.67 -0.36 -51.48
C MET C 87 -26.95 0.53 -52.66
N LYS C 88 -28.05 1.28 -52.54
CA LYS C 88 -28.41 2.24 -53.53
C LYS C 88 -27.31 3.29 -53.68
N LEU C 89 -27.02 3.62 -54.93
CA LEU C 89 -26.06 4.73 -55.21
C LEU C 89 -26.78 6.05 -55.17
N LEU C 90 -26.34 6.95 -54.30
CA LEU C 90 -26.87 8.30 -54.24
C LEU C 90 -25.72 9.24 -54.50
N SER C 91 -25.41 9.46 -55.76
CA SER C 91 -24.23 10.25 -56.14
C SER C 91 -24.31 11.70 -55.72
N GLY C 92 -25.55 12.24 -55.64
CA GLY C 92 -25.80 13.59 -55.09
C GLY C 92 -25.19 13.83 -53.70
N GLY C 93 -24.74 12.75 -53.07
CA GLY C 93 -23.92 12.84 -51.87
C GLY C 93 -24.76 13.23 -50.68
N SER C 94 -24.13 13.93 -49.73
CA SER C 94 -24.69 14.08 -48.39
C SER C 94 -24.97 15.53 -47.99
N VAL C 95 -25.68 15.73 -46.90
CA VAL C 95 -25.85 17.09 -46.35
C VAL C 95 -24.47 17.73 -45.96
N LEU C 96 -23.51 16.89 -45.54
CA LEU C 96 -22.18 17.35 -45.15
C LEU C 96 -21.44 17.97 -46.37
N ASP C 97 -21.51 17.31 -47.51
CA ASP C 97 -20.99 17.84 -48.79
C ASP C 97 -21.49 19.26 -49.10
N ILE C 98 -22.77 19.53 -48.86
CA ILE C 98 -23.33 20.83 -49.03
C ILE C 98 -22.70 21.76 -48.02
N ILE C 99 -22.69 21.38 -46.73
CA ILE C 99 -22.08 22.17 -45.66
C ILE C 99 -20.66 22.61 -46.02
N LYS C 100 -19.83 21.65 -46.44
CA LYS C 100 -18.46 21.91 -46.81
C LYS C 100 -18.32 22.85 -48.00
N HIS C 101 -19.24 22.74 -48.99
CA HIS C 101 -19.26 23.66 -50.12
C HIS C 101 -19.52 25.05 -49.59
N ILE C 102 -20.53 25.22 -48.75
CA ILE C 102 -20.84 26.57 -48.22
C ILE C 102 -19.70 27.20 -47.40
N VAL C 103 -19.14 26.40 -46.51
CA VAL C 103 -17.97 26.79 -45.72
C VAL C 103 -16.79 27.15 -46.65
N ALA C 104 -16.50 26.30 -47.63
CA ALA C 104 -15.45 26.53 -48.62
C ALA C 104 -15.60 27.85 -49.38
N LYS C 105 -16.83 28.19 -49.74
CA LYS C 105 -17.07 29.48 -50.39
C LYS C 105 -16.95 30.64 -49.39
N GLY C 106 -16.97 30.37 -48.10
CA GLY C 106 -16.95 31.46 -47.11
C GLY C 106 -18.32 32.11 -46.95
N GLU C 107 -19.39 31.34 -47.16
CA GLU C 107 -20.77 31.81 -47.16
C GLU C 107 -21.54 31.38 -45.87
N HIS C 108 -20.76 30.97 -44.86
CA HIS C 108 -21.28 30.38 -43.64
C HIS C 108 -21.34 31.34 -42.44
N LYS C 109 -21.03 32.62 -42.66
CA LYS C 109 -20.83 33.54 -41.54
C LYS C 109 -22.14 34.06 -40.88
N SER C 110 -23.28 33.95 -41.57
CA SER C 110 -24.57 34.23 -40.92
C SER C 110 -25.38 32.95 -40.78
N GLY C 111 -24.66 31.82 -40.83
CA GLY C 111 -25.27 30.50 -40.76
C GLY C 111 -24.99 29.68 -41.99
N VAL C 112 -25.15 28.38 -41.88
CA VAL C 112 -24.94 27.52 -43.03
C VAL C 112 -26.28 27.30 -43.75
N LEU C 113 -27.13 26.36 -43.30
CA LEU C 113 -28.43 26.13 -43.97
C LEU C 113 -29.52 26.97 -43.28
N ASP C 114 -30.46 27.54 -44.06
CA ASP C 114 -31.54 28.33 -43.46
C ASP C 114 -32.57 27.43 -42.76
N GLU C 115 -33.37 28.02 -41.87
CA GLU C 115 -34.37 27.29 -41.07
C GLU C 115 -35.35 26.39 -41.84
N SER C 116 -35.83 26.87 -42.98
CA SER C 116 -36.74 26.08 -43.82
C SER C 116 -36.02 24.89 -44.44
N THR C 117 -34.78 25.05 -44.88
CA THR C 117 -34.06 23.86 -45.40
C THR C 117 -33.58 22.85 -44.36
N ILE C 118 -33.23 23.31 -43.16
CA ILE C 118 -32.98 22.38 -42.04
C ILE C 118 -34.29 21.62 -41.69
N ALA C 119 -35.43 22.33 -41.62
CA ALA C 119 -36.72 21.71 -41.28
C ALA C 119 -37.15 20.68 -42.29
N THR C 120 -36.94 20.96 -43.56
CA THR C 120 -37.24 20.05 -44.65
C THR C 120 -36.41 18.77 -44.55
N ILE C 121 -35.11 18.91 -44.41
CA ILE C 121 -34.16 17.77 -44.33
C ILE C 121 -34.41 16.90 -43.10
N LEU C 122 -34.42 17.55 -41.95
CA LEU C 122 -34.48 16.87 -40.65
C LEU C 122 -35.85 16.22 -40.37
N ARG C 123 -36.90 16.79 -40.93
CA ARG C 123 -38.22 16.16 -40.98
C ARG C 123 -38.16 14.78 -41.60
N GLU C 124 -37.48 14.66 -42.72
CA GLU C 124 -37.29 13.38 -43.42
C GLU C 124 -36.44 12.42 -42.60
N VAL C 125 -35.42 12.94 -41.92
CA VAL C 125 -34.59 12.15 -41.02
C VAL C 125 -35.43 11.60 -39.82
N LEU C 126 -36.29 12.44 -39.24
CA LEU C 126 -37.22 12.03 -38.19
C LEU C 126 -38.22 10.93 -38.61
N GLU C 127 -38.73 11.00 -39.85
CA GLU C 127 -39.56 9.93 -40.40
C GLU C 127 -38.77 8.63 -40.46
N GLY C 128 -37.50 8.68 -40.90
CA GLY C 128 -36.68 7.47 -40.99
C GLY C 128 -36.39 6.89 -39.61
N LEU C 129 -36.07 7.76 -38.68
CA LEU C 129 -35.75 7.40 -37.30
C LEU C 129 -36.98 6.85 -36.58
N GLU C 130 -38.15 7.47 -36.80
CA GLU C 130 -39.37 7.00 -36.18
C GLU C 130 -39.64 5.59 -36.66
N TYR C 131 -39.35 5.29 -37.92
CA TYR C 131 -39.56 3.94 -38.44
C TYR C 131 -38.67 2.92 -37.73
N LEU C 132 -37.40 3.26 -37.55
CA LEU C 132 -36.43 2.38 -36.91
C LEU C 132 -36.84 2.17 -35.46
N HIS C 133 -37.24 3.25 -34.81
CA HIS C 133 -37.52 3.24 -33.40
C HIS C 133 -38.80 2.47 -33.07
N LYS C 134 -39.85 2.62 -33.90
CA LYS C 134 -41.11 1.83 -33.74
C LYS C 134 -40.79 0.36 -33.77
N ASN C 135 -39.71 0.04 -34.45
CA ASN C 135 -39.40 -1.33 -34.82
C ASN C 135 -38.30 -1.88 -33.93
N GLY C 136 -38.00 -1.15 -32.86
CA GLY C 136 -37.04 -1.60 -31.83
C GLY C 136 -35.59 -1.51 -32.24
N GLN C 137 -35.31 -0.72 -33.29
CA GLN C 137 -33.99 -0.50 -33.86
C GLN C 137 -33.43 0.82 -33.40
N ILE C 138 -32.11 0.94 -33.41
CA ILE C 138 -31.45 2.22 -33.13
C ILE C 138 -30.46 2.48 -34.26
N HIS C 139 -30.32 3.73 -34.67
CA HIS C 139 -29.34 4.02 -35.71
C HIS C 139 -27.90 4.10 -35.18
N ARG C 140 -27.66 4.96 -34.19
CA ARG C 140 -26.39 5.10 -33.40
C ARG C 140 -25.40 6.13 -33.99
N ASP C 141 -25.62 6.54 -35.24
CA ASP C 141 -24.62 7.39 -35.88
C ASP C 141 -25.25 8.46 -36.74
N VAL C 142 -26.18 9.21 -36.13
CA VAL C 142 -26.90 10.27 -36.84
C VAL C 142 -26.01 11.50 -36.86
N LYS C 143 -25.75 11.99 -38.08
CA LYS C 143 -24.93 13.17 -38.32
C LYS C 143 -25.17 13.58 -39.78
N ALA C 144 -24.75 14.79 -40.12
CA ALA C 144 -24.89 15.31 -41.48
C ALA C 144 -24.28 14.43 -42.57
N GLY C 145 -23.12 13.84 -42.31
CA GLY C 145 -22.39 12.98 -43.25
C GLY C 145 -23.11 11.71 -43.62
N ASN C 146 -24.14 11.40 -42.83
CA ASN C 146 -24.95 10.19 -43.01
C ASN C 146 -26.34 10.56 -43.51
N ILE C 147 -26.55 11.81 -43.90
CA ILE C 147 -27.82 12.13 -44.57
C ILE C 147 -27.53 12.30 -46.08
N LEU C 148 -28.00 11.33 -46.85
CA LEU C 148 -27.76 11.27 -48.28
C LEU C 148 -28.98 11.79 -49.06
N LEU C 149 -28.72 12.33 -50.24
CA LEU C 149 -29.71 13.09 -51.02
C LEU C 149 -29.83 12.48 -52.40
N GLY C 150 -31.05 12.15 -52.79
CA GLY C 150 -31.30 11.64 -54.11
C GLY C 150 -31.41 12.80 -55.07
N GLU C 151 -31.04 12.56 -56.33
CA GLU C 151 -31.39 13.45 -57.45
C GLU C 151 -32.87 13.91 -57.44
N ASP C 152 -33.76 13.02 -57.00
CA ASP C 152 -35.18 13.32 -56.92
C ASP C 152 -35.63 14.18 -55.73
N GLY C 153 -34.70 14.61 -54.89
CA GLY C 153 -35.11 15.39 -53.76
C GLY C 153 -35.19 14.57 -52.49
N SER C 154 -35.07 13.23 -52.59
CA SER C 154 -35.16 12.35 -51.43
C SER C 154 -34.07 12.60 -50.41
N VAL C 155 -34.44 12.42 -49.15
CA VAL C 155 -33.54 12.52 -48.01
C VAL C 155 -33.57 11.12 -47.37
N GLN C 156 -32.39 10.50 -47.27
CA GLN C 156 -32.25 9.12 -46.80
C GLN C 156 -31.05 8.99 -45.80
N ILE C 157 -31.27 8.28 -44.69
CA ILE C 157 -30.27 8.14 -43.68
C ILE C 157 -29.43 6.95 -44.11
N ALA C 158 -28.11 7.14 -44.09
CA ALA C 158 -27.18 6.08 -44.43
C ALA C 158 -26.64 5.43 -43.15
N ASP C 159 -26.03 4.27 -43.34
CA ASP C 159 -25.14 3.57 -42.41
C ASP C 159 -25.83 2.84 -41.26
N PHE C 160 -27.15 2.68 -41.38
CA PHE C 160 -27.87 1.81 -40.48
C PHE C 160 -27.26 0.40 -40.48
N GLY C 161 -27.16 -0.23 -39.31
CA GLY C 161 -26.60 -1.56 -39.24
C GLY C 161 -25.12 -1.54 -39.00
N VAL C 162 -24.40 -2.29 -39.83
CA VAL C 162 -22.97 -2.60 -39.67
C VAL C 162 -22.12 -1.38 -39.48
N SER C 163 -22.25 -0.39 -40.36
CA SER C 163 -21.37 0.77 -40.28
C SER C 163 -21.53 1.62 -39.04
N ALA C 164 -22.76 1.91 -38.63
CA ALA C 164 -23.01 2.69 -37.41
C ALA C 164 -22.53 1.91 -36.21
N PHE C 165 -22.71 0.59 -36.24
CA PHE C 165 -22.17 -0.34 -35.24
C PHE C 165 -20.66 -0.19 -35.08
N LEU C 166 -19.92 -0.29 -36.18
CA LEU C 166 -18.46 -0.22 -36.13
C LEU C 166 -17.98 1.20 -35.84
N ALA C 167 -18.65 2.18 -36.44
CA ALA C 167 -18.27 3.56 -36.25
C ALA C 167 -18.28 3.99 -34.79
N THR C 168 -19.17 3.41 -34.00
CA THR C 168 -19.43 3.88 -32.63
C THR C 168 -18.80 2.93 -31.57
N GLY C 169 -17.91 2.05 -32.00
CA GLY C 169 -17.20 1.18 -31.09
C GLY C 169 -17.60 -0.28 -31.17
N GLY C 170 -18.90 -0.55 -31.28
CA GLY C 170 -19.40 -1.90 -31.19
C GLY C 170 -19.42 -2.38 -29.75
N ASP C 171 -18.22 -2.44 -29.15
CA ASP C 171 -17.98 -2.91 -27.77
C ASP C 171 -18.63 -4.26 -27.44
N THR C 180 -25.73 -7.33 -15.09
CA THR C 180 -26.50 -8.24 -14.20
C THR C 180 -26.02 -9.68 -14.42
N PHE C 181 -25.52 -10.41 -13.41
CA PHE C 181 -25.41 -10.14 -11.92
C PHE C 181 -26.63 -10.29 -10.96
N VAL C 182 -26.51 -11.20 -10.00
CA VAL C 182 -27.46 -11.32 -8.87
C VAL C 182 -27.13 -10.29 -7.76
N GLY C 183 -28.19 -9.83 -7.06
CA GLY C 183 -28.07 -8.88 -5.94
C GLY C 183 -28.69 -7.51 -6.23
N THR C 184 -28.99 -6.76 -5.17
CA THR C 184 -29.49 -5.39 -5.28
C THR C 184 -28.39 -4.32 -5.44
N PRO C 185 -28.45 -3.53 -6.52
CA PRO C 185 -27.36 -2.60 -6.84
C PRO C 185 -27.34 -1.30 -6.02
N CYS C 186 -27.68 -1.38 -4.75
CA CYS C 186 -27.86 -0.20 -3.90
C CYS C 186 -26.62 0.66 -3.72
N TRP C 187 -25.44 0.07 -3.84
CA TRP C 187 -24.22 0.80 -3.62
C TRP C 187 -23.57 1.18 -4.97
N MET C 188 -24.17 0.73 -6.08
CA MET C 188 -23.50 0.87 -7.38
C MET C 188 -23.43 2.31 -7.84
N ALA C 189 -22.29 2.79 -8.33
CA ALA C 189 -22.29 4.19 -8.87
C ALA C 189 -23.17 4.32 -10.11
N PRO C 190 -23.79 5.51 -10.32
CA PRO C 190 -24.68 5.86 -11.42
C PRO C 190 -24.03 5.62 -12.78
N GLU C 191 -22.75 5.98 -12.93
CA GLU C 191 -22.06 5.73 -14.20
C GLU C 191 -21.90 4.22 -14.43
N VAL C 192 -21.88 3.46 -13.34
CA VAL C 192 -21.82 2.01 -13.49
C VAL C 192 -23.18 1.46 -13.87
N MET C 193 -24.23 1.94 -13.19
CA MET C 193 -25.61 1.62 -13.52
C MET C 193 -25.99 2.00 -14.95
N GLU C 194 -25.53 3.16 -15.43
CA GLU C 194 -25.78 3.60 -16.80
C GLU C 194 -25.19 2.59 -17.81
N GLN C 195 -24.00 2.09 -17.54
CA GLN C 195 -23.36 1.06 -18.39
C GLN C 195 -24.10 -0.28 -18.33
N VAL C 196 -24.55 -0.66 -17.14
CA VAL C 196 -25.32 -1.87 -16.91
C VAL C 196 -26.67 -1.84 -17.65
N ARG C 197 -27.40 -0.74 -17.56
CA ARG C 197 -28.66 -0.64 -18.27
C ARG C 197 -28.22 -0.42 -19.76
N GLY C 198 -29.00 -0.67 -20.75
CA GLY C 198 -28.24 -0.31 -21.96
C GLY C 198 -28.25 1.17 -22.30
N TYR C 199 -28.61 1.44 -23.53
CA TYR C 199 -29.16 2.70 -23.88
C TYR C 199 -30.16 2.29 -24.94
N ASP C 200 -30.95 3.23 -25.39
CA ASP C 200 -32.03 2.88 -26.28
C ASP C 200 -32.15 4.00 -27.26
N PHE C 201 -33.21 3.97 -28.04
CA PHE C 201 -33.40 4.85 -29.16
C PHE C 201 -33.24 6.33 -28.80
N LYS C 202 -33.39 6.69 -27.53
CA LYS C 202 -33.23 8.07 -27.07
C LYS C 202 -31.87 8.67 -27.39
N ALA C 203 -30.86 7.79 -27.49
CA ALA C 203 -29.52 8.20 -27.89
C ALA C 203 -29.49 8.84 -29.28
N ASP C 204 -30.34 8.37 -30.23
CA ASP C 204 -30.49 8.97 -31.56
C ASP C 204 -31.04 10.40 -31.50
N ILE C 205 -31.91 10.68 -30.54
CA ILE C 205 -32.52 12.01 -30.38
C ILE C 205 -31.46 13.03 -29.98
N TRP C 206 -30.56 12.62 -29.11
CA TRP C 206 -29.41 13.47 -28.79
C TRP C 206 -28.61 13.73 -30.07
N SER C 207 -28.20 12.68 -30.78
CA SER C 207 -27.43 12.85 -32.06
C SER C 207 -28.17 13.71 -33.10
N PHE C 208 -29.47 13.49 -33.25
CA PHE C 208 -30.35 14.41 -33.98
C PHE C 208 -30.17 15.90 -33.54
N GLY C 209 -30.22 16.21 -32.24
CA GLY C 209 -30.09 17.64 -31.80
C GLY C 209 -28.72 18.21 -32.19
N ILE C 210 -27.67 17.40 -32.10
CA ILE C 210 -26.31 17.79 -32.50
C ILE C 210 -26.22 18.03 -33.99
N THR C 211 -26.89 17.16 -34.76
CA THR C 211 -27.02 17.33 -36.19
C THR C 211 -27.72 18.60 -36.61
N ALA C 212 -28.77 18.98 -35.91
CA ALA C 212 -29.38 20.30 -36.11
C ALA C 212 -28.36 21.45 -35.93
N ILE C 213 -27.55 21.40 -34.87
CA ILE C 213 -26.50 22.39 -34.65
C ILE C 213 -25.49 22.48 -35.83
N GLU C 214 -25.02 21.33 -36.28
CA GLU C 214 -24.14 21.14 -37.41
C GLU C 214 -24.67 21.71 -38.75
N LEU C 215 -25.97 21.58 -38.99
CA LEU C 215 -26.61 22.10 -40.19
C LEU C 215 -26.65 23.61 -40.19
N ALA C 216 -26.83 24.20 -39.02
CA ALA C 216 -26.91 25.67 -38.85
C ALA C 216 -25.53 26.34 -38.77
N THR C 217 -24.56 25.69 -38.12
CA THR C 217 -23.29 26.36 -37.86
C THR C 217 -22.20 25.73 -38.68
N GLY C 218 -22.45 24.55 -39.25
CA GLY C 218 -21.39 23.93 -40.01
C GLY C 218 -20.68 22.76 -39.36
N ALA C 219 -20.77 22.68 -38.04
CA ALA C 219 -20.00 21.74 -37.24
C ALA C 219 -20.71 21.32 -35.96
N ALA C 220 -20.28 20.20 -35.39
CA ALA C 220 -20.70 19.80 -34.07
C ALA C 220 -20.11 20.79 -33.04
N PRO C 221 -20.85 21.11 -31.96
CA PRO C 221 -20.40 22.05 -30.91
C PRO C 221 -18.98 21.88 -30.37
N TYR C 222 -18.54 20.64 -30.15
CA TYR C 222 -17.19 20.44 -29.66
C TYR C 222 -16.19 20.02 -30.77
N HIS C 223 -16.47 20.42 -32.01
CA HIS C 223 -15.62 20.10 -33.17
C HIS C 223 -14.13 20.51 -33.06
N LYS C 224 -13.83 21.57 -32.30
CA LYS C 224 -12.44 22.01 -32.21
C LYS C 224 -11.54 21.24 -31.23
N TYR C 225 -12.12 20.29 -30.49
CA TYR C 225 -11.43 19.51 -29.45
C TYR C 225 -11.04 18.11 -29.94
N PRO C 226 -9.88 17.59 -29.48
CA PRO C 226 -9.48 16.17 -29.63
C PRO C 226 -10.54 15.19 -29.15
N PRO C 227 -10.51 13.94 -29.66
CA PRO C 227 -11.60 12.96 -29.42
C PRO C 227 -11.93 12.70 -27.94
N MET C 228 -10.90 12.63 -27.10
CA MET C 228 -11.07 12.36 -25.68
C MET C 228 -11.52 13.57 -24.85
N LYS C 229 -11.10 14.77 -25.23
CA LYS C 229 -11.67 15.99 -24.66
C LYS C 229 -13.18 16.20 -24.97
N VAL C 230 -13.65 15.73 -26.12
CA VAL C 230 -15.08 15.84 -26.47
C VAL C 230 -15.94 15.01 -25.52
N LEU C 231 -15.48 13.78 -25.22
CA LEU C 231 -16.10 12.93 -24.19
C LEU C 231 -16.17 13.64 -22.84
N MET C 232 -15.05 14.19 -22.38
CA MET C 232 -14.98 14.79 -21.04
C MET C 232 -15.89 16.01 -20.94
N LEU C 233 -15.73 16.95 -21.88
CA LEU C 233 -16.57 18.15 -21.94
C LEU C 233 -18.09 17.87 -21.98
N THR C 234 -18.52 16.89 -22.79
CA THR C 234 -19.94 16.51 -22.85
C THR C 234 -20.44 15.79 -21.58
N LEU C 235 -19.64 14.91 -21.02
CA LEU C 235 -20.02 14.22 -19.78
C LEU C 235 -19.92 15.11 -18.53
N GLN C 236 -19.00 16.06 -18.54
CA GLN C 236 -18.77 16.87 -17.34
C GLN C 236 -19.65 18.11 -17.30
N ASN C 237 -20.01 18.63 -18.46
CA ASN C 237 -20.70 19.90 -18.52
C ASN C 237 -22.18 19.73 -18.87
N ASP C 238 -22.99 20.75 -18.55
CA ASP C 238 -24.34 20.93 -19.12
C ASP C 238 -24.27 20.73 -20.65
N PRO C 239 -25.40 20.35 -21.27
CA PRO C 239 -25.37 20.10 -22.71
C PRO C 239 -24.92 21.29 -23.52
N PRO C 240 -24.32 21.05 -24.71
CA PRO C 240 -23.90 22.17 -25.54
C PRO C 240 -25.08 22.93 -26.13
N SER C 241 -24.88 24.22 -26.35
CA SER C 241 -25.89 25.03 -27.02
C SER C 241 -25.55 25.19 -28.48
N LEU C 242 -26.51 25.75 -29.22
CA LEU C 242 -26.34 26.17 -30.59
C LEU C 242 -25.09 27.01 -30.80
N GLU C 243 -24.78 27.90 -29.85
CA GLU C 243 -23.65 28.81 -29.97
C GLU C 243 -22.31 28.37 -29.34
N THR C 244 -22.20 27.19 -28.74
CA THR C 244 -20.93 26.82 -28.11
C THR C 244 -19.75 26.75 -29.08
N GLY C 245 -19.96 26.21 -30.28
CA GLY C 245 -18.84 26.02 -31.22
C GLY C 245 -18.56 27.20 -32.12
N VAL C 246 -19.03 28.37 -31.71
CA VAL C 246 -19.15 29.53 -32.58
C VAL C 246 -18.48 30.72 -31.89
N GLN C 247 -17.57 31.40 -32.59
CA GLN C 247 -16.93 32.57 -32.00
C GLN C 247 -17.75 33.87 -32.19
N ASP C 248 -18.32 34.06 -33.39
CA ASP C 248 -19.19 35.20 -33.63
C ASP C 248 -20.55 34.91 -33.01
N LYS C 249 -20.74 35.31 -31.75
CA LYS C 249 -21.96 34.91 -31.03
C LYS C 249 -23.23 35.59 -31.56
N GLU C 250 -23.09 36.44 -32.56
CA GLU C 250 -24.22 37.07 -33.22
C GLU C 250 -24.57 36.48 -34.61
N MET C 251 -23.80 35.47 -35.05
CA MET C 251 -23.92 34.74 -36.34
C MET C 251 -25.35 34.24 -36.61
N LEU C 252 -25.92 33.58 -35.60
CA LEU C 252 -27.17 32.86 -35.74
C LEU C 252 -28.27 33.65 -35.11
N LYS C 253 -28.11 34.97 -35.07
CA LYS C 253 -29.16 35.86 -34.58
C LYS C 253 -30.47 35.72 -35.36
N LYS C 254 -30.40 35.11 -36.55
CA LYS C 254 -31.59 34.95 -37.41
C LYS C 254 -32.39 33.71 -37.03
N TYR C 255 -31.71 32.73 -36.43
CA TYR C 255 -32.31 31.48 -36.01
C TYR C 255 -33.11 31.71 -34.76
N GLY C 256 -34.40 31.37 -34.84
CA GLY C 256 -35.35 31.80 -33.82
C GLY C 256 -35.62 30.79 -32.72
N LYS C 257 -36.68 31.09 -31.98
CA LYS C 257 -37.04 30.53 -30.68
C LYS C 257 -37.43 29.05 -30.81
N SER C 258 -38.28 28.74 -31.80
CA SER C 258 -38.72 27.36 -32.00
C SER C 258 -37.58 26.39 -32.35
N PHE C 259 -36.63 26.83 -33.17
CA PHE C 259 -35.42 26.03 -33.52
C PHE C 259 -34.59 25.75 -32.27
N ARG C 260 -34.37 26.78 -31.47
CA ARG C 260 -33.55 26.70 -30.27
C ARG C 260 -34.19 25.79 -29.23
N LYS C 261 -35.51 25.93 -29.05
CA LYS C 261 -36.34 25.04 -28.21
C LYS C 261 -36.32 23.60 -28.62
N MET C 262 -36.54 23.36 -29.91
CA MET C 262 -36.38 22.05 -30.50
C MET C 262 -35.02 21.45 -30.15
N ILE C 263 -33.93 22.18 -30.36
CA ILE C 263 -32.60 21.63 -30.09
C ILE C 263 -32.42 21.29 -28.59
N SER C 264 -32.88 22.17 -27.71
CA SER C 264 -32.74 21.96 -26.27
C SER C 264 -33.62 20.80 -25.72
N LEU C 265 -34.71 20.43 -26.40
CA LEU C 265 -35.47 19.21 -26.03
C LEU C 265 -34.64 17.97 -26.28
N CYS C 266 -33.96 17.91 -27.43
CA CYS C 266 -33.11 16.78 -27.79
C CYS C 266 -31.83 16.73 -26.96
N LEU C 267 -31.25 17.89 -26.70
CA LEU C 267 -30.01 17.97 -25.92
C LEU C 267 -30.24 18.03 -24.41
N GLN C 268 -30.75 16.94 -23.86
CA GLN C 268 -30.93 16.77 -22.43
C GLN C 268 -30.11 15.58 -21.99
N LYS C 269 -29.37 15.74 -20.88
CA LYS C 269 -28.49 14.68 -20.39
C LYS C 269 -29.24 13.38 -20.06
N ASP C 270 -30.51 13.52 -19.64
CA ASP C 270 -31.32 12.42 -19.15
C ASP C 270 -32.23 11.99 -20.26
N PRO C 271 -31.95 10.82 -20.82
CA PRO C 271 -32.59 10.32 -22.02
C PRO C 271 -34.11 10.22 -21.90
N GLU C 272 -34.62 9.85 -20.71
CA GLU C 272 -36.07 9.78 -20.47
C GLU C 272 -36.73 11.11 -20.75
N LYS C 273 -35.97 12.19 -20.57
CA LYS C 273 -36.51 13.52 -20.75
C LYS C 273 -36.58 13.93 -22.21
N ARG C 274 -35.90 13.22 -23.10
CA ARG C 274 -35.90 13.59 -24.53
C ARG C 274 -37.21 13.15 -25.18
N PRO C 275 -37.65 13.90 -26.20
CA PRO C 275 -38.86 13.48 -26.91
C PRO C 275 -38.57 12.31 -27.86
N THR C 276 -39.62 11.58 -28.21
CA THR C 276 -39.51 10.58 -29.26
C THR C 276 -39.49 11.31 -30.66
N ALA C 277 -39.13 10.56 -31.71
CA ALA C 277 -39.09 11.13 -33.05
C ALA C 277 -40.50 11.51 -33.54
N ALA C 278 -41.50 10.69 -33.21
CA ALA C 278 -42.92 11.03 -33.47
C ALA C 278 -43.32 12.35 -32.81
N GLU C 279 -42.89 12.56 -31.57
CA GLU C 279 -43.14 13.80 -30.81
C GLU C 279 -42.44 15.02 -31.40
N LEU C 280 -41.18 14.86 -31.82
CA LEU C 280 -40.45 15.94 -32.51
C LEU C 280 -41.09 16.35 -33.84
N LEU C 281 -41.57 15.37 -34.61
CA LEU C 281 -42.27 15.65 -35.88
C LEU C 281 -43.42 16.65 -35.73
N ARG C 282 -44.02 16.68 -34.55
CA ARG C 282 -45.14 17.56 -34.21
C ARG C 282 -44.67 18.91 -33.66
N HIS C 283 -43.36 19.05 -33.42
CA HIS C 283 -42.82 20.35 -32.94
C HIS C 283 -43.12 21.49 -33.90
N LYS C 284 -43.45 22.66 -33.34
CA LYS C 284 -43.73 23.89 -34.07
C LYS C 284 -42.65 24.16 -35.12
N PHE C 285 -41.39 23.86 -34.78
CA PHE C 285 -40.30 24.11 -35.73
C PHE C 285 -40.50 23.40 -37.07
N PHE C 286 -40.98 22.15 -37.05
CA PHE C 286 -41.12 21.40 -38.31
C PHE C 286 -42.30 21.79 -39.24
N GLN C 287 -43.04 22.82 -38.84
CA GLN C 287 -44.04 23.51 -39.68
C GLN C 287 -43.36 24.45 -40.67
N LYS C 288 -42.05 24.68 -40.44
CA LYS C 288 -41.25 25.57 -41.27
C LYS C 288 -40.79 24.90 -42.55
N ALA C 289 -41.02 23.59 -42.63
CA ALA C 289 -40.55 22.79 -43.73
C ALA C 289 -41.40 23.09 -44.93
N LYS C 290 -40.79 22.95 -46.11
CA LYS C 290 -41.43 23.29 -47.38
C LYS C 290 -42.19 22.11 -47.99
N ALA D 2 46.74 -29.18 44.84
CA ALA D 2 47.62 -29.87 43.84
C ALA D 2 46.80 -30.81 42.94
N LEU D 3 45.71 -31.33 43.48
CA LEU D 3 44.79 -32.23 42.77
C LEU D 3 43.87 -31.41 41.87
N PRO D 4 43.70 -31.80 40.59
CA PRO D 4 42.81 -30.98 39.76
C PRO D 4 41.33 -31.22 40.16
N TRP D 5 40.49 -30.21 39.97
CA TRP D 5 39.07 -30.35 40.17
C TRP D 5 38.50 -31.40 39.24
N SER D 6 37.82 -32.38 39.82
CA SER D 6 37.24 -33.48 39.05
C SER D 6 36.21 -33.00 38.03
N ILE D 7 36.19 -33.69 36.90
CA ILE D 7 35.13 -33.56 35.89
C ILE D 7 34.25 -34.82 35.86
N ASN D 8 34.43 -35.70 36.86
CA ASN D 8 33.66 -36.93 36.95
C ASN D 8 32.49 -36.70 37.89
N ARG D 9 31.28 -36.82 37.37
CA ARG D 9 30.04 -36.67 38.14
C ARG D 9 29.96 -37.64 39.34
N ASP D 10 30.64 -38.78 39.24
CA ASP D 10 30.75 -39.75 40.35
C ASP D 10 31.61 -39.27 41.53
N ASP D 11 32.30 -38.14 41.35
CA ASP D 11 33.10 -37.55 42.42
C ASP D 11 32.33 -36.55 43.27
N TYR D 12 31.07 -36.31 42.90
CA TYR D 12 30.21 -35.28 43.50
C TYR D 12 28.95 -35.89 44.09
N GLU D 13 28.65 -35.47 45.32
CA GLU D 13 27.40 -35.86 45.98
C GLU D 13 26.52 -34.63 46.10
N LEU D 14 25.39 -34.64 45.38
CA LEU D 14 24.46 -33.49 45.40
C LEU D 14 23.76 -33.41 46.76
N GLN D 15 23.66 -32.19 47.32
CA GLN D 15 23.00 -31.98 48.62
C GLN D 15 21.86 -30.95 48.54
N GLU D 16 21.77 -30.01 49.47
CA GLU D 16 20.59 -29.14 49.51
C GLU D 16 20.48 -28.19 48.31
N VAL D 17 19.27 -28.06 47.79
CA VAL D 17 18.96 -27.07 46.76
C VAL D 17 18.92 -25.68 47.42
N ILE D 18 19.82 -24.81 46.96
CA ILE D 18 19.90 -23.44 47.43
C ILE D 18 18.92 -22.51 46.65
N GLY D 19 18.83 -22.73 45.35
CA GLY D 19 17.97 -21.90 44.51
C GLY D 19 17.47 -22.71 43.35
N SER D 20 16.18 -22.55 43.02
CA SER D 20 15.62 -23.19 41.83
C SER D 20 15.05 -22.14 40.88
N GLY D 21 14.65 -22.58 39.70
CA GLY D 21 14.05 -21.71 38.68
C GLY D 21 13.75 -22.52 37.44
N ALA D 22 13.39 -21.84 36.35
CA ALA D 22 13.22 -22.49 35.05
C ALA D 22 14.57 -22.91 34.46
N THR D 23 15.49 -21.95 34.37
CA THR D 23 16.80 -22.06 33.71
C THR D 23 17.75 -23.05 34.42
N ALA D 24 17.89 -22.86 35.73
CA ALA D 24 18.96 -23.45 36.54
C ALA D 24 18.52 -23.66 37.97
N VAL D 25 19.24 -24.58 38.62
CA VAL D 25 19.15 -24.93 40.02
C VAL D 25 20.57 -24.71 40.56
N VAL D 26 20.69 -24.12 41.74
CA VAL D 26 21.97 -24.08 42.44
C VAL D 26 21.83 -25.05 43.62
N GLN D 27 22.79 -25.94 43.74
CA GLN D 27 22.72 -27.02 44.66
C GLN D 27 24.09 -27.13 45.33
N ALA D 28 24.10 -27.22 46.67
CA ALA D 28 25.31 -27.65 47.40
C ALA D 28 25.69 -29.07 46.96
N ALA D 29 26.98 -29.38 47.07
CA ALA D 29 27.49 -30.70 46.72
C ALA D 29 28.82 -30.98 47.42
N TYR D 30 29.06 -32.23 47.75
CA TYR D 30 30.34 -32.60 48.33
C TYR D 30 31.23 -33.16 47.24
N CYS D 31 32.40 -32.56 47.06
CA CYS D 31 33.38 -33.06 46.10
C CYS D 31 34.35 -33.95 46.85
N ALA D 32 34.31 -35.23 46.51
CA ALA D 32 35.03 -36.27 47.25
C ALA D 32 36.58 -36.21 47.22
N PRO D 33 37.21 -36.21 46.02
CA PRO D 33 38.68 -36.10 45.96
C PRO D 33 39.26 -34.76 46.50
N LYS D 34 38.46 -33.71 46.51
CA LYS D 34 38.88 -32.39 47.00
C LYS D 34 38.49 -32.19 48.45
N LYS D 35 37.67 -33.10 48.97
CA LYS D 35 37.17 -33.02 50.37
C LYS D 35 36.56 -31.66 50.73
N GLU D 36 35.70 -31.17 49.86
CA GLU D 36 35.11 -29.85 50.04
C GLU D 36 33.65 -29.83 49.58
N LYS D 37 32.85 -29.06 50.33
CA LYS D 37 31.48 -28.74 49.97
C LYS D 37 31.46 -27.58 48.97
N VAL D 38 30.94 -27.84 47.78
CA VAL D 38 30.85 -26.87 46.70
C VAL D 38 29.38 -26.49 46.39
N ALA D 39 29.24 -25.44 45.57
CA ALA D 39 27.98 -25.10 44.86
C ALA D 39 28.12 -25.52 43.40
N ILE D 40 27.04 -26.11 42.89
CA ILE D 40 26.94 -26.47 41.50
C ILE D 40 25.72 -25.76 40.92
N LYS D 41 25.95 -24.96 39.88
CA LYS D 41 24.86 -24.38 39.11
C LYS D 41 24.60 -25.33 37.95
N ARG D 42 23.40 -25.91 37.98
CA ARG D 42 22.98 -26.83 36.98
C ARG D 42 22.15 -26.05 35.97
N ILE D 43 22.67 -25.92 34.77
CA ILE D 43 21.97 -25.13 33.74
C ILE D 43 21.37 -26.04 32.68
N ASN D 44 20.05 -26.02 32.49
CA ASN D 44 19.45 -26.80 31.42
C ASN D 44 19.66 -26.14 30.04
N LEU D 45 20.59 -26.69 29.26
CA LEU D 45 20.97 -26.15 27.96
C LEU D 45 19.79 -26.17 26.98
N GLU D 46 18.98 -27.23 27.03
CA GLU D 46 17.76 -27.28 26.21
C GLU D 46 16.84 -26.12 26.59
N LYS D 47 16.41 -26.09 27.85
CA LYS D 47 15.53 -25.01 28.34
C LYS D 47 16.03 -23.57 28.06
N CYS D 48 17.35 -23.36 28.20
CA CYS D 48 17.99 -22.06 27.96
C CYS D 48 18.23 -21.76 26.48
N GLN D 49 17.84 -22.70 25.60
CA GLN D 49 17.92 -22.52 24.16
C GLN D 49 19.34 -22.20 23.71
N THR D 50 20.31 -22.80 24.38
CA THR D 50 21.74 -22.66 24.05
C THR D 50 22.40 -24.03 23.81
N SER D 51 23.68 -24.03 23.51
CA SER D 51 24.43 -25.28 23.34
C SER D 51 25.87 -25.12 23.82
N MET D 52 26.53 -26.23 24.09
CA MET D 52 27.93 -26.17 24.51
C MET D 52 28.83 -25.43 23.54
N ASP D 53 28.49 -25.47 22.25
CA ASP D 53 29.24 -24.73 21.22
C ASP D 53 29.15 -23.23 21.40
N GLU D 54 27.94 -22.73 21.64
CA GLU D 54 27.77 -21.31 21.86
C GLU D 54 28.45 -20.84 23.15
N LEU D 55 28.59 -21.75 24.12
CA LEU D 55 29.07 -21.39 25.48
C LEU D 55 30.57 -21.52 25.73
N LEU D 56 31.32 -22.06 24.77
CA LEU D 56 32.72 -22.39 25.00
C LEU D 56 33.63 -21.19 25.27
N LYS D 57 33.41 -20.08 24.59
CA LYS D 57 34.20 -18.88 24.85
C LYS D 57 33.89 -18.28 26.21
N GLU D 58 32.65 -18.43 26.67
CA GLU D 58 32.29 -18.04 28.02
C GLU D 58 33.01 -18.86 29.09
N ILE D 59 33.00 -20.17 28.93
CA ILE D 59 33.68 -21.10 29.82
C ILE D 59 35.19 -20.83 29.86
N GLN D 60 35.79 -20.61 28.68
CA GLN D 60 37.21 -20.25 28.58
C GLN D 60 37.59 -19.01 29.36
N ALA D 61 36.76 -17.98 29.25
CA ALA D 61 36.94 -16.74 29.98
C ALA D 61 36.85 -16.98 31.50
N MET D 62 35.87 -17.80 31.90
CA MET D 62 35.69 -18.21 33.29
C MET D 62 36.91 -18.96 33.89
N SER D 63 37.51 -19.84 33.11
CA SER D 63 38.67 -20.61 33.55
C SER D 63 39.94 -19.73 33.54
N GLN D 64 39.85 -18.53 32.97
CA GLN D 64 40.98 -17.62 32.91
C GLN D 64 40.88 -16.57 34.01
N CYS D 65 39.65 -16.24 34.41
CA CYS D 65 39.41 -15.04 35.24
C CYS D 65 39.27 -15.27 36.74
N HIS D 66 40.40 -15.17 37.43
CA HIS D 66 40.48 -15.43 38.86
C HIS D 66 40.98 -14.21 39.60
N HIS D 67 40.27 -13.86 40.66
CA HIS D 67 40.50 -12.64 41.39
C HIS D 67 39.76 -12.89 42.72
N PRO D 68 40.27 -12.33 43.83
CA PRO D 68 39.59 -12.50 45.12
C PRO D 68 38.21 -11.90 45.18
N ASN D 69 37.89 -10.96 44.29
CA ASN D 69 36.55 -10.39 44.29
C ASN D 69 35.63 -10.96 43.22
N ILE D 70 35.97 -12.14 42.72
CA ILE D 70 35.14 -12.90 41.77
C ILE D 70 34.98 -14.31 42.31
N VAL D 71 33.74 -14.79 42.41
CA VAL D 71 33.47 -16.12 42.98
C VAL D 71 34.31 -17.17 42.23
N SER D 72 34.99 -18.06 42.95
CA SER D 72 35.87 -19.05 42.32
C SER D 72 35.13 -20.05 41.44
N TYR D 73 35.51 -20.06 40.18
CA TYR D 73 35.06 -21.08 39.27
C TYR D 73 36.06 -22.26 39.36
N TYR D 74 35.54 -23.45 39.59
CA TYR D 74 36.41 -24.62 39.79
C TYR D 74 36.53 -25.41 38.50
N THR D 75 35.38 -25.82 37.96
CA THR D 75 35.35 -26.54 36.69
C THR D 75 33.92 -26.58 36.16
N SER D 76 33.71 -27.24 35.02
CA SER D 76 32.37 -27.45 34.48
C SER D 76 32.38 -28.68 33.60
N PHE D 77 31.24 -29.33 33.46
CA PHE D 77 31.12 -30.53 32.66
C PHE D 77 29.64 -30.72 32.42
N VAL D 78 29.29 -31.40 31.35
CA VAL D 78 27.90 -31.71 31.02
C VAL D 78 27.47 -33.01 31.69
N VAL D 79 26.32 -33.00 32.35
CA VAL D 79 25.67 -34.23 32.80
C VAL D 79 24.33 -34.29 32.07
N LYS D 80 24.23 -35.21 31.10
CA LYS D 80 23.03 -35.39 30.27
C LYS D 80 22.62 -34.13 29.50
N ASP D 81 21.62 -33.41 30.03
CA ASP D 81 21.12 -32.18 29.38
C ASP D 81 21.45 -30.89 30.14
N GLU D 82 22.17 -31.04 31.25
CA GLU D 82 22.60 -29.89 32.00
C GLU D 82 24.10 -29.65 31.86
N LEU D 83 24.48 -28.37 31.97
CA LEU D 83 25.87 -28.01 32.21
C LEU D 83 26.02 -27.73 33.70
N TRP D 84 27.02 -28.34 34.31
CA TRP D 84 27.31 -28.13 35.71
C TRP D 84 28.47 -27.21 35.83
N LEU D 85 28.26 -26.08 36.49
CA LEU D 85 29.33 -25.14 36.83
C LEU D 85 29.67 -25.34 38.30
N VAL D 86 30.90 -25.75 38.57
CA VAL D 86 31.32 -26.10 39.91
C VAL D 86 32.11 -24.90 40.42
N MET D 87 31.71 -24.42 41.57
CA MET D 87 32.19 -23.14 42.04
C MET D 87 32.26 -23.18 43.55
N LYS D 88 32.94 -22.19 44.13
CA LYS D 88 33.02 -22.10 45.57
C LYS D 88 31.60 -21.84 46.14
N LEU D 89 31.31 -22.52 47.26
CA LEU D 89 30.08 -22.31 48.03
C LEU D 89 30.25 -21.11 48.97
N LEU D 90 29.42 -20.09 48.77
CA LEU D 90 29.41 -18.94 49.66
C LEU D 90 28.09 -19.03 50.40
N SER D 91 28.15 -19.66 51.58
CA SER D 91 26.96 -19.99 52.37
C SER D 91 26.30 -18.74 52.97
N GLY D 92 27.10 -17.69 53.24
CA GLY D 92 26.63 -16.34 53.60
C GLY D 92 25.61 -15.69 52.67
N GLY D 93 25.48 -16.24 51.47
CA GLY D 93 24.47 -15.78 50.52
C GLY D 93 24.81 -14.44 49.91
N SER D 94 23.79 -13.69 49.50
CA SER D 94 24.03 -12.51 48.69
C SER D 94 23.68 -11.21 49.40
N VAL D 95 24.15 -10.08 48.85
CA VAL D 95 23.71 -8.78 49.31
C VAL D 95 22.16 -8.66 49.19
N LEU D 96 21.56 -9.28 48.19
CA LEU D 96 20.11 -9.18 48.02
C LEU D 96 19.34 -9.94 49.13
N ASP D 97 19.86 -11.08 49.58
CA ASP D 97 19.33 -11.73 50.81
C ASP D 97 19.25 -10.81 52.00
N ILE D 98 20.27 -9.97 52.18
CA ILE D 98 20.33 -8.96 53.25
C ILE D 98 19.28 -7.87 53.08
N ILE D 99 19.17 -7.34 51.87
CA ILE D 99 18.14 -6.36 51.53
C ILE D 99 16.75 -6.93 51.80
N LYS D 100 16.51 -8.15 51.34
CA LYS D 100 15.20 -8.79 51.54
C LYS D 100 14.86 -8.97 53.01
N HIS D 101 15.88 -9.24 53.83
CA HIS D 101 15.73 -9.46 55.27
C HIS D 101 15.38 -8.16 55.95
N ILE D 102 16.06 -7.08 55.57
CA ILE D 102 15.78 -5.75 56.10
C ILE D 102 14.38 -5.28 55.72
N VAL D 103 13.97 -5.53 54.48
CA VAL D 103 12.62 -5.13 54.02
C VAL D 103 11.51 -5.96 54.72
N ALA D 104 11.75 -7.26 54.91
CA ALA D 104 10.80 -8.13 55.63
C ALA D 104 10.65 -7.77 57.11
N LYS D 105 11.73 -7.25 57.70
CA LYS D 105 11.70 -6.80 59.10
C LYS D 105 11.01 -5.45 59.25
N GLY D 106 10.81 -4.74 58.13
CA GLY D 106 10.21 -3.40 58.15
C GLY D 106 11.22 -2.29 58.45
N GLU D 107 12.51 -2.62 58.32
CA GLU D 107 13.59 -1.74 58.75
C GLU D 107 14.22 -0.96 57.60
N HIS D 108 13.48 -0.78 56.51
CA HIS D 108 14.04 -0.27 55.28
C HIS D 108 13.54 1.13 55.02
N LYS D 109 12.56 1.54 55.83
CA LYS D 109 12.09 2.93 55.84
C LYS D 109 13.28 3.82 56.23
N SER D 110 13.37 4.99 55.64
CA SER D 110 14.62 5.77 55.71
C SER D 110 15.88 5.11 55.09
N GLY D 111 15.75 3.98 54.40
CA GLY D 111 16.88 3.39 53.67
C GLY D 111 17.19 1.95 54.01
N VAL D 112 17.93 1.25 53.13
CA VAL D 112 18.30 -0.14 53.38
C VAL D 112 19.66 -0.27 54.09
N LEU D 113 20.74 -0.32 53.35
CA LEU D 113 22.05 -0.38 53.97
C LEU D 113 22.54 1.03 54.16
N ASP D 114 23.26 1.31 55.23
CA ASP D 114 23.89 2.63 55.37
C ASP D 114 25.07 2.86 54.41
N GLU D 115 25.44 4.13 54.27
CA GLU D 115 26.51 4.61 53.40
C GLU D 115 27.83 3.89 53.53
N SER D 116 28.30 3.67 54.75
CA SER D 116 29.59 3.04 54.93
C SER D 116 29.58 1.56 54.55
N THR D 117 28.44 0.88 54.75
CA THR D 117 28.38 -0.54 54.39
C THR D 117 28.19 -0.73 52.89
N ILE D 118 27.45 0.18 52.23
CA ILE D 118 27.41 0.26 50.76
C ILE D 118 28.82 0.53 50.17
N ALA D 119 29.56 1.42 50.82
CA ALA D 119 30.91 1.80 50.41
C ALA D 119 31.87 0.62 50.46
N THR D 120 31.79 -0.14 51.55
CA THR D 120 32.64 -1.29 51.79
C THR D 120 32.41 -2.35 50.74
N ILE D 121 31.14 -2.67 50.51
CA ILE D 121 30.76 -3.70 49.55
C ILE D 121 31.08 -3.32 48.10
N LEU D 122 30.74 -2.10 47.71
CA LEU D 122 30.82 -1.71 46.31
C LEU D 122 32.26 -1.46 45.85
N ARG D 123 33.09 -1.00 46.76
CA ARG D 123 34.53 -0.99 46.58
C ARG D 123 35.07 -2.36 46.21
N GLU D 124 34.61 -3.41 46.90
CA GLU D 124 35.04 -4.76 46.58
C GLU D 124 34.53 -5.18 45.20
N VAL D 125 33.29 -4.81 44.88
CA VAL D 125 32.73 -5.06 43.54
C VAL D 125 33.58 -4.32 42.50
N LEU D 126 33.89 -3.04 42.75
CA LEU D 126 34.73 -2.26 41.83
C LEU D 126 36.14 -2.83 41.56
N GLU D 127 36.81 -3.31 42.61
CA GLU D 127 38.03 -4.11 42.44
C GLU D 127 37.86 -5.27 41.45
N GLY D 128 36.79 -6.06 41.61
CA GLY D 128 36.54 -7.20 40.75
C GLY D 128 36.23 -6.77 39.33
N LEU D 129 35.52 -5.64 39.18
CA LEU D 129 35.20 -5.07 37.89
C LEU D 129 36.43 -4.56 37.12
N GLU D 130 37.25 -3.69 37.75
CA GLU D 130 38.63 -3.33 37.28
C GLU D 130 39.39 -4.54 36.82
N TYR D 131 39.44 -5.60 37.63
CA TYR D 131 40.19 -6.77 37.20
C TYR D 131 39.64 -7.27 35.86
N LEU D 132 38.31 -7.35 35.77
CA LEU D 132 37.66 -7.86 34.56
C LEU D 132 37.90 -6.94 33.37
N HIS D 133 37.76 -5.64 33.59
CA HIS D 133 37.71 -4.71 32.49
C HIS D 133 39.07 -4.50 31.88
N LYS D 134 40.07 -4.32 32.73
CA LYS D 134 41.42 -4.10 32.24
C LYS D 134 41.94 -5.36 31.52
N ASN D 135 41.27 -6.50 31.78
CA ASN D 135 41.56 -7.75 31.07
C ASN D 135 40.68 -8.02 29.83
N GLY D 136 39.85 -7.05 29.44
CA GLY D 136 39.03 -7.12 28.23
C GLY D 136 37.75 -7.92 28.39
N GLN D 137 37.29 -8.05 29.65
CA GLN D 137 36.08 -8.80 29.99
C GLN D 137 34.95 -7.86 30.42
N ILE D 138 33.72 -8.31 30.27
CA ILE D 138 32.59 -7.51 30.71
C ILE D 138 31.78 -8.45 31.56
N HIS D 139 31.20 -7.97 32.65
CA HIS D 139 30.38 -8.90 33.44
C HIS D 139 28.96 -9.03 32.86
N ARG D 140 28.29 -7.90 32.63
CA ARG D 140 26.94 -7.81 31.98
C ARG D 140 25.76 -8.04 32.94
N ASP D 141 25.98 -8.62 34.10
CA ASP D 141 24.87 -8.85 35.01
C ASP D 141 25.14 -8.39 36.43
N VAL D 142 25.66 -7.17 36.56
CA VAL D 142 25.99 -6.61 37.89
C VAL D 142 24.70 -6.17 38.60
N LYS D 143 24.52 -6.62 39.86
CA LYS D 143 23.30 -6.40 40.64
C LYS D 143 23.55 -7.05 42.00
N ALA D 144 22.76 -6.66 42.99
CA ALA D 144 22.87 -7.15 44.38
C ALA D 144 22.80 -8.65 44.50
N GLY D 145 21.94 -9.30 43.71
CA GLY D 145 21.76 -10.74 43.74
C GLY D 145 23.00 -11.47 43.33
N ASN D 146 23.91 -10.81 42.60
CA ASN D 146 25.20 -11.39 42.17
C ASN D 146 26.42 -10.97 42.97
N ILE D 147 26.19 -10.30 44.09
CA ILE D 147 27.25 -9.98 45.03
C ILE D 147 27.15 -10.95 46.20
N LEU D 148 28.06 -11.93 46.24
CA LEU D 148 28.00 -13.00 47.22
C LEU D 148 28.97 -12.76 48.38
N LEU D 149 28.58 -13.22 49.58
CA LEU D 149 29.32 -12.90 50.80
C LEU D 149 29.97 -14.12 51.45
N GLY D 150 31.22 -13.95 51.80
CA GLY D 150 31.95 -14.93 52.55
C GLY D 150 31.66 -14.82 54.03
N GLU D 151 31.63 -15.98 54.65
CA GLU D 151 31.65 -16.19 56.09
C GLU D 151 32.77 -15.33 56.65
N ASP D 152 33.84 -15.19 55.87
CA ASP D 152 35.02 -14.42 56.33
C ASP D 152 34.94 -12.88 56.11
N GLY D 153 33.86 -12.37 55.54
CA GLY D 153 33.80 -10.94 55.23
C GLY D 153 34.06 -10.62 53.77
N SER D 154 34.46 -11.61 52.98
CA SER D 154 34.72 -11.38 51.57
C SER D 154 33.46 -11.01 50.77
N VAL D 155 33.69 -10.26 49.71
CA VAL D 155 32.65 -9.78 48.82
C VAL D 155 33.13 -10.22 47.45
N GLN D 156 32.29 -10.98 46.75
CA GLN D 156 32.68 -11.49 45.45
C GLN D 156 31.54 -11.48 44.45
N ILE D 157 31.87 -11.13 43.20
CA ILE D 157 30.91 -11.12 42.14
C ILE D 157 30.71 -12.51 41.57
N ALA D 158 29.43 -12.92 41.57
CA ALA D 158 28.96 -14.16 40.96
C ALA D 158 28.53 -13.95 39.51
N ASP D 159 28.32 -15.08 38.85
CA ASP D 159 27.76 -15.21 37.54
C ASP D 159 28.56 -14.65 36.35
N PHE D 160 29.88 -14.43 36.56
CA PHE D 160 30.76 -14.08 35.44
C PHE D 160 30.72 -15.22 34.43
N GLY D 161 30.56 -14.86 33.16
CA GLY D 161 30.63 -15.83 32.07
C GLY D 161 29.29 -16.38 31.65
N VAL D 162 29.15 -17.71 31.74
CA VAL D 162 27.97 -18.41 31.23
C VAL D 162 26.65 -17.83 31.75
N SER D 163 26.53 -17.58 33.05
CA SER D 163 25.25 -17.20 33.64
C SER D 163 24.77 -15.82 33.23
N ALA D 164 25.67 -14.83 33.32
CA ALA D 164 25.41 -13.47 32.91
C ALA D 164 25.08 -13.39 31.40
N PHE D 165 25.77 -14.19 30.61
CA PHE D 165 25.55 -14.30 29.18
C PHE D 165 24.07 -14.70 28.97
N LEU D 166 23.65 -15.79 29.60
CA LEU D 166 22.28 -16.32 29.48
C LEU D 166 21.20 -15.41 30.06
N ALA D 167 21.49 -14.78 31.19
CA ALA D 167 20.56 -13.89 31.87
C ALA D 167 20.21 -12.61 31.10
N THR D 168 21.07 -12.21 30.15
CA THR D 168 20.94 -10.96 29.43
C THR D 168 20.61 -11.23 27.97
N GLY D 169 20.29 -12.49 27.68
CA GLY D 169 19.76 -12.80 26.39
C GLY D 169 20.74 -13.35 25.38
N GLY D 170 21.91 -13.80 25.84
CA GLY D 170 22.86 -14.48 24.95
C GLY D 170 23.44 -13.60 23.85
N ASP D 171 23.48 -14.14 22.63
CA ASP D 171 24.10 -13.45 21.48
C ASP D 171 23.30 -12.28 20.89
N ILE D 172 22.05 -12.12 21.32
CA ILE D 172 21.28 -10.88 21.13
C ILE D 172 22.12 -9.67 21.60
N THR D 173 22.78 -9.82 22.75
CA THR D 173 23.63 -8.78 23.30
C THR D 173 25.14 -9.07 23.20
N ARG D 174 25.58 -9.63 22.07
CA ARG D 174 27.00 -9.69 21.75
C ARG D 174 27.59 -8.29 21.78
N ASN D 175 28.72 -8.14 22.45
CA ASN D 175 29.36 -6.82 22.58
C ASN D 175 30.42 -6.55 21.50
N PHE D 181 28.65 -5.34 6.64
CA PHE D 181 28.54 -4.66 5.34
C PHE D 181 29.78 -3.84 4.93
N VAL D 182 30.03 -3.80 3.61
CA VAL D 182 30.86 -2.76 3.00
C VAL D 182 30.02 -1.49 2.88
N GLY D 183 30.66 -0.38 2.56
CA GLY D 183 29.94 0.86 2.33
C GLY D 183 29.94 1.64 3.63
N THR D 184 29.73 2.93 3.47
CA THR D 184 29.69 3.86 4.55
C THR D 184 28.28 3.92 5.14
N PRO D 185 28.19 3.97 6.48
CA PRO D 185 26.92 4.00 7.17
C PRO D 185 26.32 5.42 7.32
N CYS D 186 26.51 6.29 6.34
CA CYS D 186 26.02 7.69 6.41
C CYS D 186 24.51 7.96 6.59
N TRP D 187 23.68 7.04 6.11
CA TRP D 187 22.21 7.20 6.17
C TRP D 187 21.61 6.47 7.38
N MET D 188 22.46 5.71 8.08
CA MET D 188 22.03 4.83 9.16
C MET D 188 21.58 5.58 10.41
N ALA D 189 20.44 5.18 10.94
CA ALA D 189 19.89 5.80 12.18
C ALA D 189 20.79 5.49 13.38
N PRO D 190 20.93 6.42 14.33
CA PRO D 190 21.82 6.27 15.49
C PRO D 190 21.55 4.99 16.27
N GLU D 191 20.29 4.63 16.46
CA GLU D 191 19.96 3.40 17.14
C GLU D 191 20.38 2.15 16.39
N VAL D 192 20.53 2.22 15.06
CA VAL D 192 21.06 1.11 14.27
C VAL D 192 22.58 1.05 14.43
N MET D 193 23.24 2.20 14.26
CA MET D 193 24.65 2.34 14.54
C MET D 193 25.07 1.82 15.96
N GLU D 194 24.27 2.09 16.97
CA GLU D 194 24.56 1.63 18.34
C GLU D 194 24.62 0.09 18.38
N GLN D 195 23.68 -0.54 17.68
CA GLN D 195 23.72 -1.98 17.46
C GLN D 195 24.95 -2.49 16.69
N VAL D 196 25.31 -1.86 15.56
CA VAL D 196 26.47 -2.37 14.81
C VAL D 196 27.77 -2.21 15.65
N ARG D 197 27.85 -1.14 16.43
CA ARG D 197 29.01 -0.89 17.26
C ARG D 197 29.12 -1.86 18.47
N GLY D 198 28.01 -2.51 18.84
CA GLY D 198 28.01 -3.33 20.05
C GLY D 198 28.14 -2.41 21.27
N TYR D 199 28.87 -2.85 22.30
CA TYR D 199 29.09 -2.07 23.55
C TYR D 199 30.32 -2.59 24.28
N ASP D 200 30.75 -1.91 25.34
CA ASP D 200 32.01 -2.27 26.00
C ASP D 200 31.81 -2.34 27.51
N PHE D 201 32.91 -2.48 28.22
CA PHE D 201 32.92 -2.59 29.68
C PHE D 201 32.12 -1.47 30.39
N LYS D 202 31.92 -0.32 29.73
CA LYS D 202 31.17 0.80 30.36
C LYS D 202 29.69 0.46 30.69
N ALA D 203 29.10 -0.50 29.96
CA ALA D 203 27.81 -1.05 30.31
C ALA D 203 27.76 -1.54 31.77
N ASP D 204 28.87 -2.07 32.29
CA ASP D 204 28.94 -2.55 33.68
C ASP D 204 28.91 -1.38 34.66
N ILE D 205 29.38 -0.21 34.24
CA ILE D 205 29.38 0.96 35.11
C ILE D 205 27.97 1.51 35.30
N TRP D 206 27.15 1.50 34.26
CA TRP D 206 25.74 1.75 34.44
C TRP D 206 25.05 0.78 35.39
N SER D 207 25.22 -0.52 35.17
CA SER D 207 24.71 -1.54 36.07
C SER D 207 25.15 -1.37 37.53
N PHE D 208 26.42 -1.07 37.74
CA PHE D 208 26.97 -0.69 39.06
C PHE D 208 26.19 0.50 39.65
N GLY D 209 25.97 1.55 38.87
CA GLY D 209 25.15 2.67 39.32
C GLY D 209 23.76 2.26 39.76
N ILE D 210 23.12 1.36 38.99
CA ILE D 210 21.78 0.86 39.38
C ILE D 210 21.88 0.04 40.67
N THR D 211 22.91 -0.82 40.75
CA THR D 211 23.15 -1.61 41.98
C THR D 211 23.26 -0.75 43.26
N ALA D 212 23.98 0.39 43.19
CA ALA D 212 24.03 1.39 44.28
C ALA D 212 22.66 1.88 44.75
N ILE D 213 21.81 2.25 43.80
CA ILE D 213 20.44 2.62 44.15
C ILE D 213 19.74 1.47 44.88
N GLU D 214 19.89 0.26 44.35
CA GLU D 214 19.32 -0.96 44.93
C GLU D 214 19.73 -1.23 46.39
N LEU D 215 21.02 -1.05 46.71
CA LEU D 215 21.50 -1.23 48.09
C LEU D 215 20.90 -0.18 49.03
N ALA D 216 20.55 0.97 48.46
CA ALA D 216 20.08 2.09 49.24
C ALA D 216 18.57 2.06 49.43
N THR D 217 17.84 1.74 48.36
CA THR D 217 16.38 1.74 48.40
C THR D 217 15.75 0.34 48.46
N GLY D 218 16.54 -0.70 48.15
CA GLY D 218 16.00 -2.05 48.18
C GLY D 218 15.67 -2.60 46.81
N ALA D 219 15.64 -1.72 45.83
CA ALA D 219 15.14 -2.07 44.51
C ALA D 219 15.71 -1.18 43.41
N ALA D 220 15.80 -1.74 42.21
CA ALA D 220 16.14 -0.94 41.06
C ALA D 220 14.99 0.07 40.77
N PRO D 221 15.35 1.27 40.26
CA PRO D 221 14.41 2.37 39.98
C PRO D 221 13.04 2.01 39.37
N TYR D 222 13.01 1.09 38.40
CA TYR D 222 11.76 0.71 37.72
C TYR D 222 11.33 -0.73 37.98
N HIS D 223 11.63 -1.24 39.18
CA HIS D 223 11.29 -2.63 39.53
C HIS D 223 9.78 -2.92 39.48
N LYS D 224 8.96 -1.90 39.71
CA LYS D 224 7.50 -2.04 39.67
C LYS D 224 6.92 -2.31 38.26
N TYR D 225 7.71 -2.08 37.22
CA TYR D 225 7.19 -2.13 35.82
C TYR D 225 7.48 -3.45 35.10
N PRO D 226 6.58 -3.88 34.19
CA PRO D 226 6.87 -5.02 33.29
C PRO D 226 8.14 -4.79 32.47
N PRO D 227 8.82 -5.88 32.07
CA PRO D 227 10.17 -5.83 31.49
C PRO D 227 10.34 -4.87 30.31
N MET D 228 9.29 -4.73 29.51
CA MET D 228 9.29 -3.90 28.31
C MET D 228 8.97 -2.43 28.60
N LYS D 229 8.19 -2.16 29.66
CA LYS D 229 8.02 -0.79 30.18
C LYS D 229 9.34 -0.22 30.70
N VAL D 230 10.08 -1.02 31.48
CA VAL D 230 11.43 -0.70 31.94
C VAL D 230 12.34 -0.27 30.78
N LEU D 231 12.47 -1.12 29.75
CA LEU D 231 13.16 -0.74 28.50
C LEU D 231 12.78 0.65 28.01
N MET D 232 11.51 0.80 27.61
CA MET D 232 10.97 2.07 27.12
C MET D 232 11.32 3.26 28.02
N LEU D 233 10.96 3.16 29.31
CA LEU D 233 11.28 4.17 30.33
C LEU D 233 12.76 4.62 30.35
N THR D 234 13.68 3.68 30.53
CA THR D 234 15.13 3.97 30.54
C THR D 234 15.66 4.54 29.21
N LEU D 235 15.04 4.20 28.08
CA LEU D 235 15.51 4.77 26.81
C LEU D 235 14.85 6.10 26.48
N GLN D 236 13.65 6.33 27.01
CA GLN D 236 12.91 7.54 26.66
C GLN D 236 13.24 8.68 27.60
N ASN D 237 13.29 8.36 28.90
CA ASN D 237 13.46 9.34 29.96
C ASN D 237 14.90 9.66 30.27
N ASP D 238 15.09 10.61 31.19
CA ASP D 238 16.39 10.96 31.72
C ASP D 238 16.90 9.84 32.62
N PRO D 239 18.23 9.75 32.80
CA PRO D 239 18.75 8.63 33.58
C PRO D 239 18.22 8.70 34.99
N PRO D 240 17.97 7.54 35.61
CA PRO D 240 17.38 7.54 36.94
C PRO D 240 18.32 8.11 38.02
N SER D 241 17.76 8.43 39.18
CA SER D 241 18.53 8.92 40.31
C SER D 241 18.18 8.13 41.55
N LEU D 242 18.70 8.53 42.69
CA LEU D 242 18.43 7.78 43.91
C LEU D 242 16.93 7.76 44.22
N GLU D 243 16.23 8.85 43.88
CA GLU D 243 14.82 8.95 44.25
C GLU D 243 13.75 8.52 43.23
N THR D 244 14.15 7.90 42.10
CA THR D 244 13.22 7.76 40.97
C THR D 244 11.94 6.95 41.20
N GLY D 245 12.03 5.87 41.98
CA GLY D 245 10.84 5.04 42.23
C GLY D 245 10.32 5.08 43.67
N VAL D 246 10.67 6.15 44.39
CA VAL D 246 10.42 6.24 45.83
C VAL D 246 9.48 7.42 46.17
N GLN D 247 8.34 7.10 46.77
CA GLN D 247 7.27 8.09 46.98
C GLN D 247 7.54 9.05 48.12
N ASP D 248 7.60 8.53 49.34
CA ASP D 248 8.06 9.32 50.49
C ASP D 248 9.57 9.50 50.35
N LYS D 249 9.97 10.64 49.78
CA LYS D 249 11.38 10.91 49.47
C LYS D 249 12.28 11.09 50.69
N GLU D 250 11.67 11.10 51.88
CA GLU D 250 12.39 11.15 53.14
C GLU D 250 12.96 9.78 53.53
N MET D 251 12.58 8.76 52.75
CA MET D 251 13.18 7.42 52.80
C MET D 251 14.65 7.41 52.33
N LEU D 252 15.23 8.60 52.09
CA LEU D 252 16.61 8.71 51.63
C LEU D 252 17.40 9.83 52.33
N LYS D 253 17.01 10.16 53.56
CA LYS D 253 17.58 11.29 54.29
C LYS D 253 19.07 11.13 54.61
N LYS D 254 19.45 9.94 55.09
CA LYS D 254 20.85 9.65 55.41
C LYS D 254 21.74 9.19 54.21
N TYR D 255 21.35 9.56 52.99
CA TYR D 255 22.21 9.37 51.83
C TYR D 255 22.66 10.74 51.34
N GLY D 256 23.96 10.99 51.41
CA GLY D 256 24.51 12.32 51.20
C GLY D 256 24.76 12.67 49.75
N LYS D 257 25.37 13.83 49.52
CA LYS D 257 25.59 14.35 48.16
C LYS D 257 26.64 13.61 47.37
N SER D 258 27.67 13.11 48.04
CA SER D 258 28.74 12.42 47.33
C SER D 258 28.32 11.02 46.85
N PHE D 259 27.36 10.40 47.53
CA PHE D 259 26.76 9.14 47.08
C PHE D 259 25.91 9.35 45.82
N ARG D 260 25.12 10.40 45.80
CA ARG D 260 24.21 10.71 44.68
C ARG D 260 24.96 11.13 43.41
N LYS D 261 26.10 11.80 43.63
CA LYS D 261 27.00 12.25 42.58
C LYS D 261 27.74 11.08 42.00
N MET D 262 28.16 10.16 42.87
CA MET D 262 28.75 8.88 42.48
C MET D 262 27.79 8.13 41.55
N ILE D 263 26.52 8.03 41.94
CA ILE D 263 25.48 7.36 41.14
C ILE D 263 25.27 8.06 39.78
N SER D 264 25.26 9.40 39.80
CA SER D 264 24.96 10.17 38.61
C SER D 264 26.12 10.12 37.57
N LEU D 265 27.36 10.01 38.05
CA LEU D 265 28.53 9.72 37.20
C LEU D 265 28.34 8.40 36.46
N CYS D 266 27.85 7.40 37.19
CA CYS D 266 27.55 6.08 36.58
C CYS D 266 26.39 6.09 35.58
N LEU D 267 25.37 6.90 35.85
CA LEU D 267 24.11 6.85 35.13
C LEU D 267 24.02 7.95 34.08
N GLN D 268 24.91 7.81 33.11
CA GLN D 268 24.91 8.70 31.95
C GLN D 268 24.62 7.84 30.72
N LYS D 269 23.70 8.30 29.88
CA LYS D 269 23.26 7.53 28.72
C LYS D 269 24.42 7.27 27.76
N ASP D 270 25.37 8.19 27.77
CA ASP D 270 26.51 8.14 26.86
C ASP D 270 27.65 7.39 27.52
N PRO D 271 27.89 6.14 27.09
CA PRO D 271 28.92 5.28 27.75
C PRO D 271 30.27 5.97 27.98
N GLU D 272 30.76 6.74 27.00
CA GLU D 272 32.06 7.42 27.09
C GLU D 272 32.18 8.44 28.24
N LYS D 273 31.06 9.03 28.65
CA LYS D 273 31.01 9.95 29.80
C LYS D 273 31.15 9.22 31.14
N ARG D 274 30.88 7.92 31.16
CA ARG D 274 30.93 7.14 32.41
C ARG D 274 32.38 6.88 32.84
N PRO D 275 32.65 6.94 34.17
CA PRO D 275 34.02 6.68 34.59
C PRO D 275 34.36 5.19 34.52
N THR D 276 35.65 4.87 34.65
CA THR D 276 36.11 3.49 34.71
C THR D 276 35.97 3.05 36.17
N ALA D 277 36.05 1.75 36.42
CA ALA D 277 35.96 1.27 37.80
C ALA D 277 37.16 1.79 38.61
N ALA D 278 38.33 1.85 37.97
CA ALA D 278 39.53 2.51 38.50
C ALA D 278 39.28 3.92 39.03
N GLU D 279 38.68 4.78 38.19
CA GLU D 279 38.34 6.15 38.56
C GLU D 279 37.34 6.22 39.73
N LEU D 280 36.32 5.36 39.66
CA LEU D 280 35.33 5.27 40.73
C LEU D 280 35.93 4.88 42.07
N LEU D 281 36.94 4.02 42.04
CA LEU D 281 37.61 3.62 43.28
C LEU D 281 38.21 4.82 44.02
N ARG D 282 38.54 5.87 43.28
CA ARG D 282 39.16 7.08 43.80
C ARG D 282 38.11 8.11 44.23
N HIS D 283 36.83 7.80 43.99
CA HIS D 283 35.75 8.72 44.35
C HIS D 283 35.68 8.98 45.85
N LYS D 284 35.24 10.19 46.20
CA LYS D 284 35.16 10.60 47.61
C LYS D 284 34.18 9.74 48.39
N PHE D 285 33.22 9.12 47.71
CA PHE D 285 32.21 8.32 48.39
C PHE D 285 32.81 7.06 48.99
N PHE D 286 33.72 6.44 48.25
CA PHE D 286 34.37 5.22 48.73
C PHE D 286 35.38 5.41 49.90
N GLN D 287 35.53 6.66 50.38
CA GLN D 287 36.26 6.97 51.63
C GLN D 287 35.43 6.63 52.87
N LYS D 288 34.12 6.42 52.65
CA LYS D 288 33.19 6.04 53.72
C LYS D 288 33.27 4.53 54.00
N ALA D 289 34.04 3.82 53.20
CA ALA D 289 34.26 2.38 53.36
C ALA D 289 35.12 2.15 54.58
N LYS D 290 34.84 1.06 55.27
CA LYS D 290 35.52 0.70 56.51
C LYS D 290 36.54 -0.42 56.21
PG ANP E . 23.28 -0.75 -3.35
O1G ANP E . 24.74 -0.30 -3.33
O2G ANP E . 23.06 -2.24 -3.10
O3G ANP E . 22.37 0.13 -2.51
PB ANP E . 23.75 0.24 -6.33
O1B ANP E . 25.04 0.85 -5.81
O2B ANP E . 22.86 1.16 -7.15
N3B ANP E . 22.76 -0.39 -5.01
PA ANP E . 23.33 -2.34 -7.56
O1A ANP E . 21.99 -2.34 -6.83
O2A ANP E . 24.26 -3.52 -7.42
O3A ANP E . 24.20 -1.01 -7.25
O5' ANP E . 22.98 -2.11 -9.12
C5' ANP E . 23.88 -1.53 -10.05
C4' ANP E . 23.18 -0.54 -10.97
O4' ANP E . 21.93 -1.01 -11.54
C3' ANP E . 22.88 0.75 -10.23
O3' ANP E . 23.51 1.81 -10.97
C2' ANP E . 21.36 0.87 -10.18
O2' ANP E . 20.88 2.23 -10.23
C1' ANP E . 20.90 -0.03 -11.34
N9 ANP E . 19.58 -0.69 -11.08
C8 ANP E . 19.26 -1.43 -9.98
N7 ANP E . 17.98 -1.89 -10.06
C5 ANP E . 17.46 -1.44 -11.22
C6 ANP E . 16.15 -1.54 -11.91
N6 ANP E . 15.11 -2.23 -11.38
N1 ANP E . 16.03 -0.91 -13.10
C2 ANP E . 17.02 -0.21 -13.66
N3 ANP E . 18.24 -0.06 -13.08
C4 ANP E . 18.51 -0.65 -11.89
MG MG F . 19.69 1.22 -6.99
PG ANP G . -21.33 -10.14 -0.40
O1G ANP G . -22.11 -8.90 -0.82
O2G ANP G . -20.79 -10.93 -1.58
O3G ANP G . -20.28 -9.87 0.67
PB ANP G . -22.00 -12.52 1.48
O1B ANP G . -23.18 -13.06 2.25
O2B ANP G . -20.82 -12.03 2.29
N3B ANP G . -22.50 -11.20 0.41
PA ANP G . -20.16 -14.62 0.61
O1A ANP G . -18.96 -13.70 0.60
O2A ANP G . -20.30 -15.72 -0.43
O3A ANP G . -21.50 -13.72 0.49
O5' ANP G . -20.33 -15.30 2.06
C5' ANP G . -19.34 -15.01 3.03
C4' ANP G . -19.81 -15.22 4.45
O4' ANP G . -18.64 -15.44 5.25
C3' ANP G . -20.37 -13.94 5.03
O3' ANP G . -21.08 -14.28 6.21
C2' ANP G . -19.13 -13.12 5.37
O2' ANP G . -19.44 -12.14 6.37
C1' ANP G . -18.14 -14.20 5.80
N9 ANP G . -16.72 -14.04 5.35
C8 ANP G . -16.32 -13.87 4.07
N7 ANP G . -14.99 -13.80 3.98
C5 ANP G . -14.48 -13.92 5.22
C6 ANP G . -13.10 -13.91 5.81
N6 ANP G . -12.02 -13.76 5.00
N1 ANP G . -13.01 -14.07 7.14
C2 ANP G . -14.11 -14.24 7.92
N3 ANP G . -15.38 -14.25 7.47
C4 ANP G . -15.63 -14.10 6.13
MG MG H . -17.97 -10.35 3.30
PG ANP I . -18.99 7.42 -41.26
O1G ANP I . -18.31 6.07 -41.45
O2G ANP I . -20.31 7.57 -42.00
O3G ANP I . -19.09 7.87 -39.80
PB ANP I . -17.86 8.76 -43.80
O1B ANP I . -16.70 9.68 -44.18
O2B ANP I . -19.24 9.12 -44.30
N3B ANP I . -17.93 8.58 -42.05
PA ANP I . -18.59 6.57 -45.38
O1A ANP I . -19.99 6.68 -44.82
O2A ANP I . -17.89 5.25 -45.59
O3A ANP I . -17.53 7.35 -44.46
O5' ANP I . -18.65 7.38 -46.79
C5' ANP I . -17.55 7.64 -47.63
C4' ANP I . -18.07 8.55 -48.75
O4' ANP I . -19.00 7.83 -49.56
C3' ANP I . -18.82 9.75 -48.19
O3' ANP I . -18.40 10.94 -48.80
C2' ANP I . -20.29 9.52 -48.52
O2' ANP I . -20.99 10.74 -48.82
C1' ANP I . -20.22 8.57 -49.68
N9 ANP I . -21.32 7.59 -49.64
C8 ANP I . -21.62 6.74 -48.64
N7 ANP I . -22.66 5.96 -48.98
C5 ANP I . -23.07 6.30 -50.22
C6 ANP I . -24.14 5.90 -51.18
N6 ANP I . -25.06 4.94 -50.92
N1 ANP I . -24.18 6.55 -52.36
C2 ANP I . -23.32 7.54 -52.69
N3 ANP I . -22.34 7.98 -51.89
C4 ANP I . -22.18 7.39 -50.66
MG MG J . -22.64 8.28 -45.76
PG ANP K . 19.68 -15.18 37.63
O1G ANP K . 18.44 -14.84 36.82
O2G ANP K . 20.66 -16.13 36.93
O3G ANP K . 20.33 -13.94 38.25
PB ANP K . 19.39 -15.82 40.68
O1B ANP K . 18.28 -16.47 41.49
O2B ANP K . 19.72 -14.37 40.92
N3B ANP K . 18.99 -16.08 38.98
PA ANP K . 21.09 -18.09 40.58
O1A ANP K . 22.47 -17.94 39.98
O2A ANP K . 19.97 -18.79 39.86
O3A ANP K . 20.76 -16.57 40.99
O5' ANP K . 21.22 -18.76 42.06
C5' ANP K . 20.11 -19.19 42.86
C4' ANP K . 20.47 -19.04 44.34
O4' ANP K . 21.73 -19.65 44.67
C3' ANP K . 20.58 -17.57 44.70
O3' ANP K . 19.86 -17.42 45.91
C2' ANP K . 22.04 -17.30 44.93
O2' ANP K . 22.25 -16.38 45.99
C1' ANP K . 22.59 -18.68 45.29
N9 ANP K . 23.98 -18.87 44.79
C8 ANP K . 24.42 -18.70 43.53
N7 ANP K . 25.74 -18.97 43.47
C5 ANP K . 26.18 -19.33 44.70
C6 ANP K . 27.46 -19.73 45.35
N6 ANP K . 28.61 -19.85 44.67
N1 ANP K . 27.45 -20.00 46.68
C2 ANP K . 26.33 -19.91 47.41
N3 ANP K . 25.14 -19.55 46.92
C4 ANP K . 24.99 -19.25 45.58
MG MG L . 23.73 -15.72 41.32
#